data_1FXH
#
_entry.id   1FXH
#
_cell.length_a   51.014
_cell.length_b   64.084
_cell.length_c   64.225
_cell.angle_alpha   72.92
_cell.angle_beta   73.91
_cell.angle_gamma   73.54
#
_symmetry.space_group_name_H-M   'P 1'
#
loop_
_entity.id
_entity.type
_entity.pdbx_description
1 polymer 'PENICILLIN ACYLASE'
2 polymer 'PENICILLIN ACYLASE'
3 non-polymer 'CALCIUM ION'
4 non-polymer '2-PHENYLACETIC ACID'
5 water water
#
loop_
_entity_poly.entity_id
_entity_poly.type
_entity_poly.pdbx_seq_one_letter_code
_entity_poly.pdbx_strand_id
1 'polypeptide(L)'
;EQSSSEIKIVRDEYGMPHIYANDTWHLFYGYGYVVAQDRLFQMEMARRSTQGTVAEVLGKDFVKFDKDIRRNYWPDAIRA
QIAALSPEDMSILQGYADGMNAWIDKVNTNPETLLPKQFNTFGFTPKRWEPFDVAMIFVGTMANRFSDSTSEIDNLALLT
ALKDKYGVSQGMAVFNQLKWLVNPSAPTTIAVQESNYPLKFNQQNSQTA
;
A
2 'polypeptide(L)'
;SNMWVIGKSKAQDAKAIMVNGPQFGWYAPAYTYGIGLHGAGYDVTGNTPFAYPGLVFGHNGVISWGSTAGFGDDVDIFAE
RLSAEKPGYYLHNGKWVKMLSREETITVKNGQAETFTVWRTVHGNILQTDQTTQTAYAKSRAWDGKELASLLAWTHQMKA
KNWQEWTQQAAKQALTINWYYADVNGNIGYVHTGAYPDRQSGHDPRLPVPGTGKWDWKGLLPFEMNPKVYNPQSGYIANW
ANSPQKDYPASDLFAFLWGGADRVTEIDRLLEQKPRLTADQAWDVIRQTSRQDLNLRLFLPTLQAATSGLTQSDPRRQLV
ETLTRWDGINLLNDDGKTWQQPGSAILNVWLTSMLKRTVVAAVPMPFDKWYSASGYETTQDGPTGSLNISVGAKILYEAV
QGDKSPIPQAVDLFAGKPQQEVVLAALEDTWETLSKRYGNNVSNWKTPAMALTFRANNFFGVPQAAAEETRHQAEYQNRG
TENDMIVFSPTTSDRPVLAWDVVAPGQSGFIAPDGTVDKHYEDQLKMYENFGRKSLWLTKQDVEAHKESQEVLHVQR
;
B
#
loop_
_chem_comp.id
_chem_comp.type
_chem_comp.name
_chem_comp.formula
CA non-polymer 'CALCIUM ION' 'Ca 2'
PAC non-polymer '2-PHENYLACETIC ACID' 'C8 H8 O2'
#
# COMPACT_ATOMS: atom_id res chain seq x y z
N SER A 3 -19.81 -8.69 34.61
CA SER A 3 -20.75 -7.54 34.47
C SER A 3 -20.92 -7.15 33.00
N SER A 4 -22.17 -6.97 32.59
CA SER A 4 -22.48 -6.59 31.22
C SER A 4 -21.95 -5.20 30.87
N SER A 5 -21.87 -4.32 31.87
CA SER A 5 -21.41 -2.96 31.64
C SER A 5 -19.90 -2.82 31.86
N GLU A 6 -19.25 -3.94 32.17
CA GLU A 6 -17.82 -3.92 32.51
C GLU A 6 -16.91 -4.03 31.29
N ILE A 7 -15.91 -3.17 31.24
CA ILE A 7 -14.89 -3.20 30.21
C ILE A 7 -13.53 -3.23 30.90
N LYS A 8 -12.75 -4.28 30.69
CA LYS A 8 -11.42 -4.33 31.29
C LYS A 8 -10.35 -4.05 30.25
N ILE A 9 -9.41 -3.18 30.62
CA ILE A 9 -8.30 -2.82 29.74
C ILE A 9 -6.98 -3.24 30.38
N VAL A 10 -6.28 -4.16 29.73
CA VAL A 10 -4.97 -4.60 30.21
C VAL A 10 -3.91 -4.24 29.19
N ARG A 11 -2.92 -3.45 29.60
CA ARG A 11 -1.82 -3.12 28.69
C ARG A 11 -0.60 -3.96 29.04
N ASP A 12 0.03 -4.53 28.02
CA ASP A 12 1.20 -5.36 28.24
C ASP A 12 2.48 -4.53 28.36
N GLU A 13 3.62 -5.20 28.28
CA GLU A 13 4.90 -4.55 28.55
C GLU A 13 5.34 -3.55 27.48
N TYR A 14 4.63 -3.53 26.35
CA TYR A 14 4.88 -2.50 25.35
C TYR A 14 3.71 -1.52 25.27
N GLY A 15 2.85 -1.57 26.26
CA GLY A 15 1.71 -0.67 26.32
C GLY A 15 0.56 -1.05 25.41
N MET A 16 0.69 -2.19 24.72
CA MET A 16 -0.37 -2.65 23.82
C MET A 16 -1.61 -3.04 24.62
N PRO A 17 -2.76 -2.43 24.30
CA PRO A 17 -4.00 -2.69 25.02
C PRO A 17 -4.74 -3.95 24.60
N HIS A 18 -5.27 -4.65 25.58
CA HIS A 18 -6.19 -5.76 25.34
C HIS A 18 -7.52 -5.44 26.01
N ILE A 19 -8.59 -5.47 25.22
CA ILE A 19 -9.91 -5.10 25.71
C ILE A 19 -10.74 -6.34 26.04
N TYR A 20 -11.34 -6.35 27.21
CA TYR A 20 -12.25 -7.43 27.58
C TYR A 20 -13.64 -6.86 27.84
N ALA A 21 -14.61 -7.32 27.06
CA ALA A 21 -15.99 -6.85 27.18
C ALA A 21 -16.95 -7.93 26.73
N ASN A 22 -18.19 -7.86 27.20
CA ASN A 22 -19.19 -8.89 26.91
C ASN A 22 -19.90 -8.70 25.56
N ASP A 23 -20.24 -7.47 25.21
CA ASP A 23 -20.94 -7.25 23.95
C ASP A 23 -20.19 -6.33 23.00
N THR A 24 -20.70 -6.25 21.78
CA THR A 24 -20.05 -5.51 20.71
C THR A 24 -19.77 -4.06 21.09
N TRP A 25 -20.80 -3.34 21.52
CA TRP A 25 -20.66 -1.94 21.85
C TRP A 25 -19.60 -1.71 22.92
N HIS A 26 -19.62 -2.48 23.99
CA HIS A 26 -18.64 -2.30 25.05
C HIS A 26 -17.23 -2.63 24.58
N LEU A 27 -17.10 -3.67 23.75
CA LEU A 27 -15.79 -4.08 23.25
C LEU A 27 -15.13 -2.97 22.44
N PHE A 28 -15.85 -2.40 21.48
CA PHE A 28 -15.27 -1.34 20.66
C PHE A 28 -15.25 -0.01 21.37
N TYR A 29 -16.04 0.12 22.43
CA TYR A 29 -15.95 1.28 23.29
C TYR A 29 -14.57 1.25 23.94
N GLY A 30 -14.17 0.08 24.43
CA GLY A 30 -12.86 -0.06 25.03
C GLY A 30 -11.76 0.25 24.02
N TYR A 31 -11.93 -0.29 22.81
CA TYR A 31 -10.98 -0.05 21.73
C TYR A 31 -10.83 1.44 21.49
N GLY A 32 -11.95 2.12 21.25
CA GLY A 32 -11.92 3.55 21.00
C GLY A 32 -11.29 4.34 22.14
N TYR A 33 -11.56 3.87 23.36
CA TYR A 33 -11.05 4.53 24.57
C TYR A 33 -9.53 4.54 24.58
N VAL A 34 -8.93 3.38 24.38
CA VAL A 34 -7.48 3.28 24.41
C VAL A 34 -6.81 3.99 23.22
N VAL A 35 -7.52 4.06 22.10
CA VAL A 35 -7.02 4.80 20.94
C VAL A 35 -6.93 6.29 21.26
N ALA A 36 -7.96 6.78 21.96
CA ALA A 36 -7.99 8.17 22.36
C ALA A 36 -6.88 8.47 23.35
N GLN A 37 -6.49 7.47 24.14
CA GLN A 37 -5.41 7.63 25.10
C GLN A 37 -4.05 7.65 24.39
N ASP A 38 -3.87 6.76 23.43
CA ASP A 38 -2.58 6.56 22.76
C ASP A 38 -2.31 7.50 21.58
N ARG A 39 -3.34 7.83 20.81
CA ARG A 39 -3.12 8.48 19.52
C ARG A 39 -4.12 9.59 19.22
N LEU A 40 -4.53 10.34 20.22
CA LEU A 40 -5.59 11.32 20.00
C LEU A 40 -5.24 12.36 18.94
N PHE A 41 -4.04 12.93 19.00
CA PHE A 41 -3.69 13.94 18.01
C PHE A 41 -3.59 13.34 16.61
N GLN A 42 -2.92 12.20 16.51
CA GLN A 42 -2.81 11.51 15.22
C GLN A 42 -4.19 11.24 14.62
N MET A 43 -5.12 10.75 15.45
CA MET A 43 -6.46 10.43 14.97
C MET A 43 -7.27 11.68 14.63
N GLU A 44 -7.10 12.75 15.41
CA GLU A 44 -7.75 14.02 15.11
C GLU A 44 -7.27 14.52 13.75
N MET A 45 -5.96 14.51 13.53
CA MET A 45 -5.44 15.00 12.26
C MET A 45 -5.78 14.04 11.12
N ALA A 46 -5.89 12.76 11.41
CA ALA A 46 -6.31 11.79 10.41
C ALA A 46 -7.78 12.05 10.02
N ARG A 47 -8.61 12.39 11.01
CA ARG A 47 -9.99 12.75 10.74
C ARG A 47 -10.07 13.96 9.81
N ARG A 48 -9.31 15.00 10.12
CA ARG A 48 -9.31 16.20 9.30
C ARG A 48 -8.76 15.91 7.92
N SER A 49 -7.77 15.03 7.84
CA SER A 49 -7.20 14.63 6.56
C SER A 49 -8.24 13.92 5.69
N THR A 50 -8.98 12.99 6.29
CA THR A 50 -9.93 12.19 5.54
C THR A 50 -11.21 12.95 5.21
N GLN A 51 -11.44 14.07 5.87
CA GLN A 51 -12.65 14.84 5.61
C GLN A 51 -12.36 16.20 4.98
N GLY A 52 -11.08 16.54 4.82
CA GLY A 52 -10.74 17.80 4.21
C GLY A 52 -11.07 19.00 5.08
N THR A 53 -10.72 18.91 6.36
CA THR A 53 -10.95 20.00 7.28
C THR A 53 -9.65 20.42 7.93
N VAL A 54 -8.54 20.22 7.22
CA VAL A 54 -7.24 20.57 7.75
C VAL A 54 -7.03 22.08 7.79
N ALA A 55 -7.43 22.78 6.73
CA ALA A 55 -7.22 24.22 6.65
C ALA A 55 -7.81 24.91 7.88
N GLU A 56 -8.86 24.33 8.42
CA GLU A 56 -9.52 24.85 9.61
C GLU A 56 -8.55 25.15 10.74
N VAL A 57 -7.52 24.34 10.89
CA VAL A 57 -6.56 24.54 11.98
C VAL A 57 -5.16 24.88 11.50
N LEU A 58 -4.83 24.56 10.26
CA LEU A 58 -3.47 24.80 9.77
C LEU A 58 -3.39 25.91 8.73
N GLY A 59 -4.53 26.44 8.31
CA GLY A 59 -4.50 27.62 7.44
C GLY A 59 -4.48 27.40 5.93
N LYS A 60 -4.31 28.51 5.22
CA LYS A 60 -4.43 28.60 3.76
C LYS A 60 -3.64 27.58 2.94
N ASP A 61 -2.50 27.13 3.45
CA ASP A 61 -1.68 26.20 2.70
C ASP A 61 -2.35 24.84 2.49
N PHE A 62 -3.44 24.60 3.20
CA PHE A 62 -4.14 23.33 3.06
C PHE A 62 -5.52 23.45 2.42
N VAL A 63 -5.84 24.60 1.85
CA VAL A 63 -7.14 24.78 1.20
C VAL A 63 -7.29 23.90 -0.02
N LYS A 64 -6.25 23.85 -0.86
CA LYS A 64 -6.29 22.99 -2.04
C LYS A 64 -6.43 21.54 -1.63
N PHE A 65 -5.70 21.15 -0.59
CA PHE A 65 -5.78 19.79 -0.08
C PHE A 65 -7.20 19.45 0.34
N ASP A 66 -7.79 20.31 1.17
CA ASP A 66 -9.14 20.07 1.67
C ASP A 66 -10.13 19.93 0.51
N LYS A 67 -10.03 20.82 -0.47
CA LYS A 67 -10.93 20.76 -1.61
C LYS A 67 -10.78 19.44 -2.36
N ASP A 68 -9.54 19.00 -2.56
CA ASP A 68 -9.31 17.76 -3.28
C ASP A 68 -9.90 16.56 -2.53
N ILE A 69 -9.77 16.56 -1.21
CA ILE A 69 -10.36 15.51 -0.40
C ILE A 69 -11.88 15.47 -0.58
N ARG A 70 -12.54 16.62 -0.42
CA ARG A 70 -13.99 16.64 -0.49
C ARG A 70 -14.52 16.30 -1.88
N ARG A 71 -13.76 16.66 -2.91
CA ARG A 71 -14.16 16.36 -4.29
C ARG A 71 -14.02 14.88 -4.61
N ASN A 72 -13.36 14.13 -3.72
CA ASN A 72 -13.07 12.73 -4.00
C ASN A 72 -13.99 11.75 -3.28
N TYR A 73 -15.01 12.25 -2.58
CA TYR A 73 -16.00 11.35 -2.01
C TYR A 73 -17.35 12.03 -1.85
N TRP A 74 -18.33 11.27 -1.40
CA TRP A 74 -19.70 11.75 -1.28
C TRP A 74 -20.23 11.37 0.10
N PRO A 75 -20.12 12.32 1.06
CA PRO A 75 -20.53 12.15 2.45
C PRO A 75 -21.87 11.46 2.63
N ASP A 76 -22.90 11.96 1.95
CA ASP A 76 -24.24 11.44 2.12
C ASP A 76 -24.32 9.95 1.80
N ALA A 77 -23.53 9.51 0.82
CA ALA A 77 -23.49 8.10 0.45
C ALA A 77 -22.91 7.28 1.60
N ILE A 78 -21.84 7.78 2.21
CA ILE A 78 -21.26 7.10 3.35
C ILE A 78 -22.25 7.05 4.51
N ARG A 79 -22.94 8.17 4.75
CA ARG A 79 -23.92 8.23 5.83
C ARG A 79 -25.06 7.24 5.60
N ALA A 80 -25.48 7.10 4.34
CA ALA A 80 -26.54 6.18 3.99
C ALA A 80 -26.12 4.73 4.27
N GLN A 81 -24.87 4.40 3.97
CA GLN A 81 -24.37 3.06 4.24
C GLN A 81 -24.38 2.79 5.74
N ILE A 82 -24.01 3.81 6.52
CA ILE A 82 -24.01 3.66 7.97
C ILE A 82 -25.43 3.48 8.50
N ALA A 83 -26.36 4.27 7.97
CA ALA A 83 -27.75 4.17 8.39
C ALA A 83 -28.36 2.80 8.07
N ALA A 84 -27.81 2.13 7.05
CA ALA A 84 -28.34 0.83 6.64
C ALA A 84 -27.76 -0.33 7.44
N LEU A 85 -26.78 -0.06 8.29
CA LEU A 85 -26.14 -1.11 9.08
C LEU A 85 -27.09 -1.73 10.08
N SER A 86 -26.95 -3.03 10.32
CA SER A 86 -27.73 -3.71 11.33
C SER A 86 -27.30 -3.16 12.69
N PRO A 87 -28.10 -3.40 13.74
CA PRO A 87 -27.72 -2.92 15.07
C PRO A 87 -26.36 -3.45 15.52
N GLU A 88 -26.05 -4.70 15.17
CA GLU A 88 -24.79 -5.29 15.58
C GLU A 88 -23.61 -4.56 14.93
N ASP A 89 -23.68 -4.34 13.61
CA ASP A 89 -22.59 -3.67 12.92
C ASP A 89 -22.49 -2.22 13.35
N MET A 90 -23.63 -1.58 13.59
CA MET A 90 -23.63 -0.20 14.04
C MET A 90 -22.93 -0.08 15.38
N SER A 91 -23.09 -1.11 16.22
CA SER A 91 -22.50 -1.07 17.56
C SER A 91 -20.98 -0.99 17.49
N ILE A 92 -20.39 -1.54 16.44
CA ILE A 92 -18.95 -1.45 16.25
C ILE A 92 -18.53 0.02 16.13
N LEU A 93 -19.13 0.72 15.17
CA LEU A 93 -18.81 2.13 14.94
C LEU A 93 -19.25 3.02 16.08
N GLN A 94 -20.45 2.80 16.61
CA GLN A 94 -20.96 3.63 17.68
C GLN A 94 -20.13 3.42 18.95
N GLY A 95 -19.86 2.17 19.29
CA GLY A 95 -19.09 1.88 20.48
C GLY A 95 -17.72 2.54 20.37
N TYR A 96 -17.10 2.40 19.21
CA TYR A 96 -15.78 2.95 18.97
C TYR A 96 -15.82 4.46 19.20
N ALA A 97 -16.75 5.15 18.55
CA ALA A 97 -16.87 6.60 18.71
C ALA A 97 -17.16 6.96 20.17
N ASP A 98 -18.12 6.26 20.80
CA ASP A 98 -18.46 6.56 22.19
C ASP A 98 -17.26 6.41 23.11
N GLY A 99 -16.44 5.38 22.84
CA GLY A 99 -15.27 5.15 23.65
C GLY A 99 -14.25 6.27 23.53
N MET A 100 -14.03 6.73 22.32
CA MET A 100 -13.14 7.86 22.09
C MET A 100 -13.67 9.08 22.83
N ASN A 101 -14.98 9.30 22.76
CA ASN A 101 -15.60 10.46 23.39
C ASN A 101 -15.47 10.42 24.90
N ALA A 102 -15.54 9.22 25.47
CA ALA A 102 -15.39 9.06 26.92
C ALA A 102 -14.05 9.64 27.36
N TRP A 103 -12.98 9.28 26.67
CA TRP A 103 -11.67 9.79 27.04
C TRP A 103 -11.51 11.25 26.65
N ILE A 104 -12.02 11.60 25.48
CA ILE A 104 -11.92 12.99 25.02
C ILE A 104 -12.59 13.93 26.00
N ASP A 105 -13.72 13.51 26.57
CA ASP A 105 -14.40 14.33 27.57
C ASP A 105 -13.51 14.52 28.81
N LYS A 106 -12.86 13.43 29.24
CA LYS A 106 -11.93 13.52 30.36
C LYS A 106 -10.79 14.47 30.02
N VAL A 107 -10.28 14.36 28.80
CA VAL A 107 -9.21 15.24 28.34
C VAL A 107 -9.62 16.70 28.45
N ASN A 108 -10.82 17.02 27.96
CA ASN A 108 -11.27 18.41 27.97
C ASN A 108 -11.78 18.87 29.34
N THR A 109 -11.87 17.96 30.30
CA THR A 109 -12.24 18.34 31.65
C THR A 109 -11.01 18.67 32.47
N ASN A 110 -9.89 18.05 32.11
CA ASN A 110 -8.61 18.30 32.77
C ASN A 110 -7.48 18.42 31.75
N PRO A 111 -7.55 19.40 30.84
CA PRO A 111 -6.50 19.55 29.83
C PRO A 111 -5.10 19.81 30.38
N GLU A 112 -5.01 20.44 31.54
CA GLU A 112 -3.69 20.77 32.10
C GLU A 112 -2.86 19.52 32.38
N THR A 113 -3.51 18.36 32.41
CA THR A 113 -2.80 17.11 32.64
C THR A 113 -2.99 16.08 31.53
N LEU A 114 -4.11 16.12 30.84
CA LEU A 114 -4.42 15.07 29.85
C LEU A 114 -4.36 15.51 28.40
N LEU A 115 -4.36 16.81 28.12
CA LEU A 115 -4.35 17.28 26.73
C LEU A 115 -3.00 17.02 26.07
N PRO A 116 -2.99 16.23 24.98
CA PRO A 116 -1.72 15.97 24.28
C PRO A 116 -1.08 17.30 23.89
N LYS A 117 0.22 17.41 24.11
CA LYS A 117 0.92 18.67 23.88
C LYS A 117 0.66 19.28 22.52
N GLN A 118 0.57 18.43 21.49
CA GLN A 118 0.39 18.92 20.14
C GLN A 118 -0.82 19.83 20.00
N PHE A 119 -1.88 19.54 20.75
CA PHE A 119 -3.08 20.37 20.68
C PHE A 119 -2.77 21.78 21.14
N ASN A 120 -2.03 21.91 22.24
CA ASN A 120 -1.60 23.21 22.69
C ASN A 120 -0.77 23.87 21.59
N THR A 121 0.24 23.15 21.12
CA THR A 121 1.13 23.66 20.08
C THR A 121 0.37 24.15 18.83
N PHE A 122 -0.56 23.34 18.34
CA PHE A 122 -1.29 23.68 17.12
C PHE A 122 -2.51 24.58 17.33
N GLY A 123 -2.79 24.92 18.58
CA GLY A 123 -3.80 25.93 18.87
C GLY A 123 -5.26 25.56 18.77
N PHE A 124 -5.60 24.31 19.07
CA PHE A 124 -7.01 23.93 19.13
C PHE A 124 -7.23 22.76 20.08
N THR A 125 -8.48 22.37 20.27
CA THR A 125 -8.80 21.27 21.17
C THR A 125 -9.64 20.21 20.47
N PRO A 126 -9.57 18.95 20.95
CA PRO A 126 -10.30 17.85 20.33
C PRO A 126 -11.80 17.88 20.60
N LYS A 127 -12.59 17.55 19.58
CA LYS A 127 -14.03 17.46 19.72
C LYS A 127 -14.47 16.00 19.61
N ARG A 128 -15.72 15.73 19.97
CA ARG A 128 -16.26 14.38 19.99
C ARG A 128 -16.34 13.77 18.59
N TRP A 129 -16.43 12.45 18.55
CA TRP A 129 -16.49 11.69 17.30
C TRP A 129 -17.86 11.05 17.11
N GLU A 130 -18.23 10.81 15.86
CA GLU A 130 -19.45 10.06 15.54
C GLU A 130 -19.07 8.86 14.67
N PRO A 131 -19.98 7.90 14.50
CA PRO A 131 -19.69 6.74 13.65
C PRO A 131 -19.16 7.14 12.27
N PHE A 132 -19.70 8.21 11.70
CA PHE A 132 -19.26 8.69 10.40
C PHE A 132 -17.76 8.96 10.41
N ASP A 133 -17.27 9.56 11.49
CA ASP A 133 -15.86 9.88 11.61
C ASP A 133 -15.00 8.63 11.59
N VAL A 134 -15.43 7.62 12.35
CA VAL A 134 -14.69 6.36 12.42
C VAL A 134 -14.68 5.68 11.06
N ALA A 135 -15.83 5.65 10.40
CA ALA A 135 -15.91 5.06 9.06
C ALA A 135 -14.99 5.77 8.08
N MET A 136 -14.95 7.10 8.13
CA MET A 136 -14.15 7.88 7.19
C MET A 136 -12.63 7.74 7.40
N ILE A 137 -12.21 7.38 8.61
CA ILE A 137 -10.79 7.11 8.83
C ILE A 137 -10.38 5.97 7.89
N PHE A 138 -11.23 4.94 7.85
CA PHE A 138 -11.00 3.77 6.99
C PHE A 138 -11.18 4.12 5.52
N VAL A 139 -12.31 4.76 5.19
CA VAL A 139 -12.61 5.08 3.81
C VAL A 139 -11.53 5.98 3.22
N GLY A 140 -11.13 6.99 3.98
CA GLY A 140 -10.19 7.96 3.47
C GLY A 140 -8.73 7.54 3.45
N THR A 141 -8.37 6.54 4.25
CA THR A 141 -6.96 6.12 4.32
C THR A 141 -6.70 4.76 3.72
N MET A 142 -7.76 4.01 3.39
CA MET A 142 -7.60 2.70 2.77
C MET A 142 -8.26 2.67 1.40
N ALA A 143 -9.52 3.08 1.33
CA ALA A 143 -10.24 3.07 0.06
C ALA A 143 -9.81 4.20 -0.87
N ASN A 144 -9.98 5.44 -0.41
CA ASN A 144 -9.74 6.60 -1.26
C ASN A 144 -8.28 6.84 -1.64
N ARG A 145 -7.36 6.09 -1.04
CA ARG A 145 -5.96 6.30 -1.34
C ARG A 145 -5.16 5.04 -1.72
N PHE A 146 -5.63 3.87 -1.33
CA PHE A 146 -4.95 2.65 -1.72
C PHE A 146 -5.74 1.81 -2.72
N SER A 147 -6.97 2.22 -3.03
CA SER A 147 -7.81 1.46 -3.94
C SER A 147 -8.51 2.37 -4.94
N ASP A 148 -7.95 3.56 -5.15
CA ASP A 148 -8.57 4.56 -6.01
C ASP A 148 -7.60 5.07 -7.06
N SER A 149 -6.89 4.15 -7.71
CA SER A 149 -5.85 4.53 -8.67
C SER A 149 -6.25 4.32 -10.12
N THR A 150 -6.12 5.37 -10.91
CA THR A 150 -6.34 5.28 -12.35
C THR A 150 -5.56 6.41 -13.03
N SER A 151 -5.11 6.18 -14.26
CA SER A 151 -4.48 7.24 -15.04
C SER A 151 -4.96 7.17 -16.47
N GLU A 152 -6.20 6.74 -16.65
CA GLU A 152 -6.76 6.54 -17.99
C GLU A 152 -6.69 7.78 -18.87
N ILE A 153 -6.94 8.94 -18.29
CA ILE A 153 -6.88 10.16 -19.08
C ILE A 153 -5.46 10.35 -19.61
N ASP A 154 -4.47 10.19 -18.74
CA ASP A 154 -3.09 10.29 -19.19
C ASP A 154 -2.76 9.17 -20.17
N ASN A 155 -3.22 7.96 -19.87
CA ASN A 155 -3.00 6.82 -20.76
C ASN A 155 -3.43 7.16 -22.18
N LEU A 156 -4.63 7.70 -22.32
CA LEU A 156 -5.17 8.04 -23.63
C LEU A 156 -4.31 9.09 -24.32
N ALA A 157 -3.80 10.03 -23.53
CA ALA A 157 -2.92 11.07 -24.07
C ALA A 157 -1.66 10.44 -24.66
N LEU A 158 -1.07 9.52 -23.90
CA LEU A 158 0.11 8.78 -24.37
C LEU A 158 -0.21 8.06 -25.68
N LEU A 159 -1.29 7.29 -25.67
CA LEU A 159 -1.70 6.54 -26.85
C LEU A 159 -1.86 7.46 -28.05
N THR A 160 -2.55 8.58 -27.83
CA THR A 160 -2.77 9.57 -28.87
C THR A 160 -1.44 10.09 -29.42
N ALA A 161 -0.50 10.37 -28.52
CA ALA A 161 0.80 10.88 -28.93
C ALA A 161 1.56 9.83 -29.73
N LEU A 162 1.50 8.58 -29.25
CA LEU A 162 2.17 7.47 -29.93
C LEU A 162 1.63 7.30 -31.34
N LYS A 163 0.32 7.37 -31.49
CA LYS A 163 -0.30 7.21 -32.81
C LYS A 163 0.06 8.36 -33.74
N ASP A 164 0.37 9.51 -33.15
CA ASP A 164 0.75 10.65 -33.97
C ASP A 164 2.19 10.50 -34.43
N LYS A 165 3.03 9.98 -33.54
CA LYS A 165 4.44 9.77 -33.86
C LYS A 165 4.63 8.59 -34.80
N TYR A 166 4.03 7.45 -34.47
CA TYR A 166 4.28 6.21 -35.20
C TYR A 166 3.20 5.83 -36.20
N GLY A 167 2.07 6.52 -36.16
CA GLY A 167 0.95 6.12 -36.99
C GLY A 167 -0.03 5.34 -36.15
N VAL A 168 -1.23 5.11 -36.68
CA VAL A 168 -2.30 4.47 -35.94
C VAL A 168 -1.97 3.06 -35.46
N SER A 169 -1.63 2.16 -36.38
CA SER A 169 -1.41 0.77 -36.03
C SER A 169 -0.17 0.57 -35.17
N GLN A 170 0.95 1.18 -35.56
CA GLN A 170 2.19 1.02 -34.82
C GLN A 170 2.11 1.74 -33.47
N GLY A 171 1.43 2.87 -33.44
CA GLY A 171 1.26 3.61 -32.20
C GLY A 171 0.50 2.79 -31.18
N MET A 172 -0.54 2.10 -31.64
CA MET A 172 -1.33 1.23 -30.77
C MET A 172 -0.44 0.08 -30.28
N ALA A 173 0.42 -0.41 -31.17
CA ALA A 173 1.30 -1.53 -30.84
C ALA A 173 2.37 -1.13 -29.84
N VAL A 174 2.89 0.09 -29.96
CA VAL A 174 3.87 0.59 -29.00
C VAL A 174 3.21 0.82 -27.64
N PHE A 175 1.96 1.27 -27.65
CA PHE A 175 1.22 1.43 -26.40
C PHE A 175 1.12 0.09 -25.68
N ASN A 176 0.86 -0.97 -26.44
CA ASN A 176 0.78 -2.30 -25.85
C ASN A 176 2.16 -2.80 -25.44
N GLN A 177 3.20 -2.10 -25.88
CA GLN A 177 4.57 -2.46 -25.53
C GLN A 177 5.00 -1.76 -24.24
N LEU A 178 4.48 -0.55 -24.04
CA LEU A 178 4.81 0.25 -22.86
C LEU A 178 3.83 0.04 -21.71
N LYS A 179 2.58 -0.24 -22.05
CA LYS A 179 1.54 -0.44 -21.06
C LYS A 179 0.67 -1.63 -21.45
N TRP A 180 1.30 -2.79 -21.51
CA TRP A 180 0.59 -4.02 -21.87
C TRP A 180 -0.57 -4.28 -20.92
N LEU A 181 -1.61 -4.92 -21.43
CA LEU A 181 -2.75 -5.26 -20.60
C LEU A 181 -2.33 -6.41 -19.68
N VAL A 182 -1.67 -7.40 -20.26
CA VAL A 182 -1.10 -8.52 -19.50
C VAL A 182 0.26 -8.91 -20.08
N ASN A 183 1.09 -9.48 -19.23
CA ASN A 183 2.39 -9.99 -19.63
C ASN A 183 2.47 -11.40 -19.06
N PRO A 184 2.40 -12.44 -19.92
CA PRO A 184 2.42 -13.83 -19.46
C PRO A 184 3.66 -14.27 -18.70
N SER A 185 4.73 -13.48 -18.77
CA SER A 185 5.95 -13.85 -18.05
C SER A 185 6.01 -13.26 -16.65
N ALA A 186 5.00 -12.46 -16.28
CA ALA A 186 4.96 -11.84 -14.95
C ALA A 186 4.93 -12.90 -13.85
N PRO A 187 5.83 -12.79 -12.86
CA PRO A 187 5.80 -13.74 -11.75
C PRO A 187 4.48 -13.60 -11.00
N THR A 188 3.85 -14.73 -10.67
CA THR A 188 2.54 -14.69 -10.04
C THR A 188 2.55 -15.33 -8.65
N THR A 189 1.69 -14.82 -7.78
CA THR A 189 1.61 -15.38 -6.44
C THR A 189 0.99 -16.77 -6.50
N ILE A 190 0.05 -16.96 -7.43
CA ILE A 190 -0.56 -18.25 -7.68
C ILE A 190 0.10 -18.90 -8.90
N ALA A 191 0.65 -20.09 -8.72
CA ALA A 191 1.33 -20.79 -9.81
C ALA A 191 0.36 -21.16 -10.93
N VAL A 192 0.87 -21.24 -12.16
CA VAL A 192 0.01 -21.54 -13.29
C VAL A 192 -0.67 -22.90 -13.17
N GLN A 193 -0.01 -23.86 -12.51
CA GLN A 193 -0.60 -25.19 -12.34
C GLN A 193 -1.90 -25.14 -11.53
N GLU A 194 -2.02 -24.12 -10.68
CA GLU A 194 -3.19 -23.98 -9.82
C GLU A 194 -4.40 -23.51 -10.63
N SER A 195 -4.20 -22.44 -11.39
CA SER A 195 -5.28 -21.85 -12.18
C SER A 195 -4.78 -20.63 -12.94
N ASN A 196 -5.65 -20.08 -13.78
CA ASN A 196 -5.38 -18.83 -14.47
C ASN A 196 -6.68 -18.02 -14.50
N TYR A 197 -6.55 -16.72 -14.74
CA TYR A 197 -7.70 -15.83 -14.82
C TYR A 197 -8.43 -16.06 -16.13
N PRO A 198 -9.74 -16.36 -16.07
CA PRO A 198 -10.57 -16.65 -17.24
C PRO A 198 -10.81 -15.46 -18.16
N LEU A 199 -10.98 -14.28 -17.58
CA LEU A 199 -11.38 -13.10 -18.32
C LEU A 199 -10.27 -12.49 -19.17
N LYS A 200 -10.60 -12.17 -20.42
CA LYS A 200 -9.67 -11.54 -21.35
C LYS A 200 -10.25 -10.21 -21.83
N PHE A 201 -9.42 -9.20 -21.95
CA PHE A 201 -9.88 -7.87 -22.34
C PHE A 201 -9.37 -7.45 -23.71
N ASN A 202 -10.01 -6.45 -24.29
CA ASN A 202 -9.62 -5.90 -25.58
C ASN A 202 -8.50 -4.87 -25.37
N GLN A 203 -7.47 -4.96 -26.19
CA GLN A 203 -6.31 -4.07 -26.06
C GLN A 203 -6.17 -3.17 -27.28
N GLN A 204 -7.29 -2.65 -27.75
CA GLN A 204 -7.31 -1.78 -28.93
C GLN A 204 -8.13 -0.52 -28.72
N ASN A 205 -8.70 -0.37 -27.51
CA ASN A 205 -9.54 0.77 -27.20
C ASN A 205 -10.76 0.81 -28.13
N SER A 206 -11.48 -0.30 -28.20
CA SER A 206 -12.62 -0.41 -29.08
C SER A 206 -13.77 0.52 -28.68
N GLN A 207 -13.63 1.18 -27.54
CA GLN A 207 -14.67 2.09 -27.07
C GLN A 207 -14.65 3.41 -27.83
N THR A 208 -13.88 3.45 -28.91
CA THR A 208 -13.82 4.62 -29.77
C THR A 208 -14.06 4.23 -31.22
N SER B 1 4.23 -3.45 -0.55
CA SER B 1 4.07 -4.34 0.64
C SER B 1 4.41 -5.78 0.25
N ASN B 2 5.03 -6.51 1.18
CA ASN B 2 5.27 -7.91 0.91
C ASN B 2 4.72 -8.83 1.98
N MET B 3 4.66 -10.10 1.62
CA MET B 3 4.09 -11.13 2.47
C MET B 3 4.55 -12.47 1.97
N TRP B 4 4.92 -13.35 2.88
CA TRP B 4 5.13 -14.74 2.51
C TRP B 4 4.51 -15.63 3.56
N VAL B 5 3.79 -16.64 3.09
CA VAL B 5 3.12 -17.59 3.97
C VAL B 5 3.68 -18.96 3.64
N ILE B 6 4.24 -19.61 4.66
CA ILE B 6 4.87 -20.90 4.48
C ILE B 6 3.96 -21.97 5.06
N GLY B 7 3.58 -22.95 4.23
CA GLY B 7 2.66 -23.98 4.65
C GLY B 7 3.34 -25.21 5.24
N LYS B 8 2.54 -26.15 5.70
CA LYS B 8 3.05 -27.36 6.35
C LYS B 8 4.22 -28.00 5.60
N SER B 9 4.14 -28.01 4.27
CA SER B 9 5.17 -28.69 3.47
C SER B 9 6.53 -27.99 3.45
N LYS B 10 6.58 -26.73 3.84
CA LYS B 10 7.85 -25.98 3.85
C LYS B 10 8.21 -25.38 5.20
N ALA B 11 7.36 -25.58 6.19
CA ALA B 11 7.62 -25.06 7.53
C ALA B 11 8.43 -26.05 8.37
N GLN B 12 9.43 -25.53 9.06
CA GLN B 12 10.28 -26.33 9.95
C GLN B 12 9.98 -25.97 11.40
N ASP B 13 9.80 -26.99 12.24
CA ASP B 13 9.49 -26.80 13.65
C ASP B 13 8.17 -26.05 13.82
N ALA B 14 7.29 -26.22 12.85
CA ALA B 14 5.99 -25.56 12.85
C ALA B 14 5.16 -26.04 11.67
N LYS B 15 3.87 -25.73 11.67
CA LYS B 15 2.98 -26.15 10.60
C LYS B 15 2.67 -25.04 9.60
N ALA B 16 2.78 -23.79 10.04
CA ALA B 16 2.56 -22.65 9.14
C ALA B 16 3.25 -21.40 9.68
N ILE B 17 3.75 -20.58 8.77
CA ILE B 17 4.44 -19.36 9.15
C ILE B 17 3.98 -18.23 8.22
N MET B 18 3.52 -17.13 8.82
CA MET B 18 3.08 -15.98 8.05
C MET B 18 3.92 -14.77 8.43
N VAL B 19 4.57 -14.17 7.43
CA VAL B 19 5.39 -12.99 7.67
C VAL B 19 4.92 -11.88 6.73
N ASN B 20 4.49 -10.77 7.30
CA ASN B 20 3.82 -9.70 6.57
C ASN B 20 4.60 -8.41 6.75
N GLY B 21 4.78 -7.68 5.65
CA GLY B 21 5.48 -6.41 5.72
C GLY B 21 4.76 -5.37 4.89
N PRO B 22 3.62 -4.86 5.39
CA PRO B 22 2.86 -3.85 4.64
C PRO B 22 3.69 -2.58 4.56
N GLN B 23 3.80 -2.01 3.37
CA GLN B 23 4.63 -0.84 3.20
C GLN B 23 3.80 0.41 2.91
N PHE B 24 3.63 1.21 3.95
CA PHE B 24 2.78 2.40 3.92
C PHE B 24 3.60 3.69 3.97
N GLY B 25 4.92 3.54 4.03
CA GLY B 25 5.77 4.68 4.31
C GLY B 25 6.04 4.64 5.81
N TRP B 26 6.80 5.58 6.33
CA TRP B 26 7.17 5.58 7.75
C TRP B 26 6.78 6.87 8.42
N TYR B 27 6.16 6.76 9.60
CA TYR B 27 5.61 7.93 10.26
C TYR B 27 5.75 7.86 11.78
N ALA B 28 5.72 9.03 12.39
CA ALA B 28 5.72 9.15 13.84
C ALA B 28 4.53 10.05 14.21
N PRO B 29 3.62 9.55 15.06
CA PRO B 29 3.65 8.21 15.65
C PRO B 29 3.34 7.13 14.62
N ALA B 30 3.46 5.87 15.04
CA ALA B 30 3.36 4.70 14.17
C ALA B 30 2.12 4.69 13.27
N TYR B 31 2.30 4.21 12.04
CA TYR B 31 1.20 4.12 11.10
C TYR B 31 0.14 3.16 11.63
N THR B 32 0.57 2.08 12.27
CA THR B 32 -0.38 1.10 12.79
C THR B 32 -0.50 1.16 14.31
N TYR B 33 -1.51 0.47 14.81
CA TYR B 33 -1.89 0.53 16.21
C TYR B 33 -2.08 -0.88 16.77
N GLY B 34 -1.35 -1.21 17.82
CA GLY B 34 -1.47 -2.53 18.42
C GLY B 34 -2.74 -2.62 19.26
N ILE B 35 -3.45 -3.72 19.14
CA ILE B 35 -4.73 -3.88 19.84
C ILE B 35 -5.10 -5.34 20.00
N GLY B 36 -5.64 -5.68 21.15
CA GLY B 36 -6.15 -7.03 21.36
C GLY B 36 -7.62 -6.90 21.74
N LEU B 37 -8.46 -7.77 21.19
CA LEU B 37 -9.88 -7.72 21.50
C LEU B 37 -10.37 -9.09 21.95
N HIS B 38 -11.09 -9.11 23.07
CA HIS B 38 -11.51 -10.36 23.68
C HIS B 38 -12.94 -10.24 24.20
N GLY B 39 -13.88 -10.79 23.42
CA GLY B 39 -15.28 -10.72 23.80
C GLY B 39 -16.16 -10.48 22.59
N ALA B 40 -17.46 -10.68 22.76
CA ALA B 40 -18.43 -10.48 21.69
C ALA B 40 -18.06 -11.27 20.43
N GLY B 41 -17.51 -12.46 20.62
CA GLY B 41 -17.18 -13.31 19.49
C GLY B 41 -15.76 -13.12 18.96
N TYR B 42 -15.05 -12.15 19.51
CA TYR B 42 -13.69 -11.85 19.08
C TYR B 42 -12.68 -12.32 20.11
N ASP B 43 -11.54 -12.77 19.61
CA ASP B 43 -10.40 -13.13 20.46
C ASP B 43 -9.20 -12.98 19.55
N VAL B 44 -8.70 -11.74 19.47
CA VAL B 44 -7.66 -11.42 18.49
C VAL B 44 -6.54 -10.59 19.07
N THR B 45 -5.41 -10.60 18.38
CA THR B 45 -4.26 -9.79 18.73
C THR B 45 -3.50 -9.42 17.45
N GLY B 46 -2.89 -8.25 17.44
CA GLY B 46 -2.16 -7.82 16.26
C GLY B 46 -2.09 -6.30 16.20
N ASN B 47 -1.95 -5.74 15.01
CA ASN B 47 -1.93 -4.30 14.86
C ASN B 47 -2.57 -3.90 13.54
N THR B 48 -3.02 -2.65 13.44
CA THR B 48 -3.81 -2.25 12.28
C THR B 48 -3.65 -0.74 12.01
N PRO B 49 -3.66 -0.34 10.73
CA PRO B 49 -3.51 1.07 10.36
C PRO B 49 -4.60 1.96 10.98
N PHE B 50 -4.21 3.12 11.48
CA PHE B 50 -5.16 4.10 11.99
C PHE B 50 -6.17 3.49 12.95
N ALA B 51 -5.77 2.39 13.58
CA ALA B 51 -6.62 1.70 14.54
C ALA B 51 -8.03 1.41 13.98
N TYR B 52 -8.11 0.91 12.75
CA TYR B 52 -9.41 0.51 12.20
C TYR B 52 -10.06 -0.52 13.12
N PRO B 53 -11.40 -0.56 13.16
CA PRO B 53 -12.09 -1.55 13.99
C PRO B 53 -11.58 -2.96 13.66
N GLY B 54 -11.29 -3.18 12.38
CA GLY B 54 -10.78 -4.48 11.97
C GLY B 54 -9.26 -4.52 11.90
N LEU B 55 -8.65 -5.54 12.50
CA LEU B 55 -7.20 -5.70 12.45
C LEU B 55 -6.75 -6.25 11.10
N VAL B 56 -5.97 -5.46 10.37
CA VAL B 56 -5.47 -5.91 9.07
C VAL B 56 -4.36 -6.94 9.27
N PHE B 57 -3.68 -6.86 10.42
CA PHE B 57 -2.56 -7.77 10.71
C PHE B 57 -2.74 -8.42 12.08
N GLY B 58 -2.97 -9.73 12.11
CA GLY B 58 -3.16 -10.40 13.37
C GLY B 58 -3.63 -11.84 13.27
N HIS B 59 -4.02 -12.42 14.41
CA HIS B 59 -4.54 -13.78 14.43
C HIS B 59 -5.49 -13.96 15.61
N ASN B 60 -6.25 -15.05 15.61
CA ASN B 60 -7.19 -15.31 16.69
C ASN B 60 -6.93 -16.66 17.36
N GLY B 61 -5.71 -17.14 17.25
CA GLY B 61 -5.34 -18.37 17.91
C GLY B 61 -5.63 -19.60 17.08
N VAL B 62 -6.41 -19.43 16.01
CA VAL B 62 -6.77 -20.55 15.14
C VAL B 62 -6.33 -20.26 13.71
N ILE B 63 -6.60 -19.05 13.24
CA ILE B 63 -6.14 -18.63 11.92
C ILE B 63 -5.42 -17.29 12.07
N SER B 64 -4.60 -16.94 11.10
CA SER B 64 -3.98 -15.62 11.07
C SER B 64 -4.27 -15.00 9.71
N TRP B 65 -4.10 -13.68 9.61
CA TRP B 65 -4.41 -13.00 8.37
C TRP B 65 -3.47 -11.83 8.11
N GLY B 66 -3.37 -11.43 6.85
CA GLY B 66 -2.55 -10.30 6.48
C GLY B 66 -3.00 -9.75 5.14
N SER B 67 -2.41 -8.64 4.73
CA SER B 67 -2.78 -8.01 3.47
C SER B 67 -1.59 -7.34 2.78
N THR B 68 -1.72 -7.16 1.47
CA THR B 68 -0.86 -6.28 0.68
C THR B 68 -1.79 -5.69 -0.38
N ALA B 69 -1.47 -4.49 -0.87
CA ALA B 69 -2.35 -3.88 -1.87
C ALA B 69 -2.50 -4.79 -3.08
N GLY B 70 -3.70 -4.84 -3.64
CA GLY B 70 -3.97 -5.72 -4.76
C GLY B 70 -3.53 -5.17 -6.10
N PHE B 71 -3.72 -3.86 -6.30
CA PHE B 71 -3.34 -3.24 -7.56
C PHE B 71 -4.06 -3.84 -8.76
N GLY B 72 -5.31 -4.26 -8.55
CA GLY B 72 -6.14 -4.66 -9.66
C GLY B 72 -6.71 -3.39 -10.29
N ASP B 73 -7.36 -3.51 -11.44
CA ASP B 73 -7.99 -2.35 -12.07
C ASP B 73 -9.47 -2.30 -11.70
N ASP B 74 -9.78 -1.59 -10.63
CA ASP B 74 -11.17 -1.48 -10.17
C ASP B 74 -11.68 -0.05 -10.35
N VAL B 75 -11.01 0.72 -11.19
CA VAL B 75 -11.39 2.11 -11.43
C VAL B 75 -11.33 2.47 -12.91
N ASP B 76 -12.46 2.90 -13.46
CA ASP B 76 -12.51 3.35 -14.84
C ASP B 76 -13.05 4.78 -14.91
N ILE B 77 -12.66 5.50 -15.95
CA ILE B 77 -13.09 6.88 -16.13
C ILE B 77 -14.12 6.98 -17.24
N PHE B 78 -15.27 7.59 -16.94
CA PHE B 78 -16.29 7.81 -17.95
C PHE B 78 -16.28 9.26 -18.40
N ALA B 79 -16.27 9.46 -19.71
CA ALA B 79 -16.28 10.80 -20.29
C ALA B 79 -17.71 11.24 -20.49
N GLU B 80 -18.19 12.13 -19.60
CA GLU B 80 -19.58 12.57 -19.62
C GLU B 80 -19.81 13.65 -20.68
N ARG B 81 -20.95 13.56 -21.34
CA ARG B 81 -21.33 14.52 -22.38
C ARG B 81 -22.17 15.62 -21.76
N LEU B 82 -21.66 16.86 -21.81
CA LEU B 82 -22.36 17.98 -21.21
C LEU B 82 -22.94 18.89 -22.28
N SER B 83 -23.80 19.81 -21.86
CA SER B 83 -24.38 20.80 -22.76
C SER B 83 -24.32 22.17 -22.10
N ALA B 84 -23.80 23.16 -22.83
CA ALA B 84 -23.73 24.52 -22.33
C ALA B 84 -25.14 25.05 -22.07
N GLU B 85 -26.11 24.49 -22.77
CA GLU B 85 -27.50 24.94 -22.63
C GLU B 85 -28.16 24.27 -21.43
N LYS B 86 -27.54 23.21 -20.93
CA LYS B 86 -28.09 22.47 -19.79
C LYS B 86 -27.02 22.28 -18.72
N PRO B 87 -26.61 23.36 -18.05
CA PRO B 87 -25.59 23.22 -17.00
C PRO B 87 -26.07 22.33 -15.87
N GLY B 88 -25.18 21.50 -15.37
CA GLY B 88 -25.55 20.61 -14.28
C GLY B 88 -26.17 19.31 -14.78
N TYR B 89 -26.26 19.16 -16.09
CA TYR B 89 -26.82 17.95 -16.68
C TYR B 89 -25.82 17.22 -17.56
N TYR B 90 -26.09 15.95 -17.82
CA TYR B 90 -25.29 15.17 -18.75
C TYR B 90 -26.17 14.16 -19.46
N LEU B 91 -25.75 13.77 -20.67
CA LEU B 91 -26.54 12.84 -21.47
C LEU B 91 -26.24 11.40 -21.08
N HIS B 92 -27.27 10.69 -20.64
CA HIS B 92 -27.12 9.28 -20.28
C HIS B 92 -28.32 8.48 -20.76
N ASN B 93 -28.07 7.48 -21.60
CA ASN B 93 -29.13 6.66 -22.18
C ASN B 93 -30.25 7.50 -22.78
N GLY B 94 -29.88 8.43 -23.66
CA GLY B 94 -30.87 9.19 -24.40
C GLY B 94 -31.55 10.34 -23.67
N LYS B 95 -31.26 10.49 -22.38
CA LYS B 95 -31.87 11.57 -21.62
C LYS B 95 -30.84 12.47 -20.95
N TRP B 96 -31.22 13.72 -20.71
CA TRP B 96 -30.37 14.63 -19.95
C TRP B 96 -30.67 14.47 -18.48
N VAL B 97 -29.73 13.83 -17.78
CA VAL B 97 -29.90 13.51 -16.38
C VAL B 97 -29.22 14.55 -15.52
N LYS B 98 -29.91 14.96 -14.46
CA LYS B 98 -29.37 15.97 -13.57
C LYS B 98 -28.24 15.36 -12.74
N MET B 99 -27.13 16.08 -12.63
CA MET B 99 -26.02 15.64 -11.80
C MET B 99 -26.42 15.82 -10.34
N LEU B 100 -25.85 15.00 -9.47
CA LEU B 100 -25.94 15.28 -8.04
C LEU B 100 -24.92 16.35 -7.76
N SER B 101 -25.23 17.28 -6.85
CA SER B 101 -24.28 18.31 -6.50
C SER B 101 -24.43 18.68 -5.04
N ARG B 102 -23.36 19.23 -4.47
CA ARG B 102 -23.42 19.66 -3.08
C ARG B 102 -22.47 20.82 -2.84
N GLU B 103 -22.86 21.69 -1.94
CA GLU B 103 -22.04 22.84 -1.55
C GLU B 103 -21.14 22.48 -0.38
N GLU B 104 -19.88 22.89 -0.48
CA GLU B 104 -18.92 22.68 0.60
C GLU B 104 -18.23 24.00 0.89
N THR B 105 -17.99 24.27 2.18
CA THR B 105 -17.25 25.46 2.57
C THR B 105 -15.99 25.05 3.31
N ILE B 106 -14.85 25.49 2.80
CA ILE B 106 -13.58 25.25 3.47
C ILE B 106 -13.34 26.41 4.43
N THR B 107 -13.43 26.13 5.73
CA THR B 107 -13.08 27.14 6.72
C THR B 107 -11.56 27.15 6.81
N VAL B 108 -10.98 28.34 6.94
CA VAL B 108 -9.53 28.51 6.91
C VAL B 108 -9.03 29.30 8.12
N LYS B 109 -8.13 28.69 8.89
CA LYS B 109 -7.50 29.37 10.02
C LYS B 109 -6.78 30.62 9.53
N ASN B 110 -7.11 31.76 10.12
CA ASN B 110 -6.46 33.03 9.77
C ASN B 110 -6.66 33.36 8.31
N GLY B 111 -7.71 32.82 7.72
CA GLY B 111 -7.99 33.09 6.31
C GLY B 111 -9.46 33.20 6.03
N GLN B 112 -9.79 33.52 4.79
CA GLN B 112 -11.18 33.66 4.38
C GLN B 112 -11.73 32.32 3.94
N ALA B 113 -12.97 32.03 4.34
CA ALA B 113 -13.59 30.76 3.98
C ALA B 113 -13.88 30.72 2.49
N GLU B 114 -13.85 29.52 1.91
CA GLU B 114 -14.12 29.35 0.48
C GLU B 114 -15.25 28.33 0.28
N THR B 115 -16.23 28.71 -0.52
CA THR B 115 -17.32 27.80 -0.85
C THR B 115 -17.21 27.35 -2.30
N PHE B 116 -17.46 26.07 -2.54
CA PHE B 116 -17.42 25.53 -3.89
C PHE B 116 -18.38 24.36 -4.01
N THR B 117 -18.57 23.88 -5.23
CA THR B 117 -19.53 22.82 -5.49
C THR B 117 -18.84 21.55 -5.98
N VAL B 118 -19.28 20.41 -5.45
CA VAL B 118 -18.80 19.11 -5.90
C VAL B 118 -19.90 18.49 -6.74
N TRP B 119 -19.53 17.90 -7.87
CA TRP B 119 -20.51 17.32 -8.79
C TRP B 119 -20.31 15.82 -8.95
N ARG B 120 -21.42 15.12 -9.15
CA ARG B 120 -21.41 13.67 -9.26
C ARG B 120 -22.41 13.17 -10.29
N THR B 121 -22.04 12.14 -11.03
CA THR B 121 -22.95 11.53 -11.99
C THR B 121 -23.17 10.08 -11.58
N VAL B 122 -23.93 9.33 -12.37
CA VAL B 122 -24.18 7.93 -12.04
C VAL B 122 -22.88 7.13 -12.09
N HIS B 123 -21.86 7.68 -12.73
CA HIS B 123 -20.56 7.03 -12.85
C HIS B 123 -19.60 7.40 -11.72
N GLY B 124 -19.94 8.42 -10.94
CA GLY B 124 -19.08 8.81 -9.84
C GLY B 124 -18.83 10.31 -9.77
N ASN B 125 -17.96 10.72 -8.86
CA ASN B 125 -17.67 12.13 -8.69
C ASN B 125 -16.94 12.67 -9.92
N ILE B 126 -17.23 13.92 -10.27
CA ILE B 126 -16.61 14.57 -11.43
C ILE B 126 -15.20 15.06 -11.10
N LEU B 127 -14.24 14.72 -11.94
CA LEU B 127 -12.87 15.18 -11.77
C LEU B 127 -12.73 16.67 -12.00
N GLN B 128 -13.13 17.14 -13.18
CA GLN B 128 -12.99 18.56 -13.52
C GLN B 128 -13.99 19.00 -14.58
N THR B 129 -13.47 19.56 -15.67
CA THR B 129 -14.30 20.05 -16.76
C THR B 129 -13.43 20.31 -18.00
N ASP B 130 -14.09 20.37 -19.15
CA ASP B 130 -13.41 20.61 -20.43
C ASP B 130 -14.45 21.11 -21.43
N GLN B 131 -15.09 22.22 -21.08
CA GLN B 131 -16.23 22.73 -21.84
C GLN B 131 -15.92 23.22 -23.26
N THR B 132 -14.74 22.89 -23.79
CA THR B 132 -14.47 23.20 -25.20
C THR B 132 -15.19 22.15 -26.02
N THR B 133 -15.09 20.90 -25.57
CA THR B 133 -15.78 19.78 -26.17
C THR B 133 -17.04 19.51 -25.36
N GLN B 134 -17.22 20.29 -24.30
CA GLN B 134 -18.30 20.10 -23.36
C GLN B 134 -18.23 18.70 -22.79
N THR B 135 -17.15 18.43 -22.06
CA THR B 135 -16.95 17.14 -21.44
C THR B 135 -16.45 17.33 -20.01
N ALA B 136 -16.76 16.36 -19.17
CA ALA B 136 -16.24 16.29 -17.81
C ALA B 136 -16.09 14.81 -17.51
N TYR B 137 -15.06 14.45 -16.77
CA TYR B 137 -14.77 13.05 -16.49
C TYR B 137 -15.26 12.65 -15.10
N ALA B 138 -15.88 11.48 -15.02
CA ALA B 138 -16.33 10.94 -13.74
C ALA B 138 -15.55 9.67 -13.44
N LYS B 139 -15.12 9.53 -12.18
CA LYS B 139 -14.31 8.39 -11.78
C LYS B 139 -15.17 7.29 -11.18
N SER B 140 -15.22 6.14 -11.86
CA SER B 140 -16.06 5.03 -11.45
C SER B 140 -15.29 3.96 -10.70
N ARG B 141 -15.60 3.78 -9.42
CA ARG B 141 -14.97 2.76 -8.60
C ARG B 141 -15.89 1.55 -8.49
N ALA B 142 -15.35 0.36 -8.72
CA ALA B 142 -16.15 -0.84 -8.62
C ALA B 142 -16.63 -1.06 -7.18
N TRP B 143 -15.92 -0.47 -6.21
CA TRP B 143 -16.29 -0.61 -4.81
C TRP B 143 -17.22 0.50 -4.32
N ASP B 144 -17.69 1.36 -5.22
CA ASP B 144 -18.55 2.47 -4.82
C ASP B 144 -19.77 1.93 -4.09
N GLY B 145 -20.05 2.48 -2.91
CA GLY B 145 -21.19 2.02 -2.14
C GLY B 145 -20.87 0.81 -1.26
N LYS B 146 -19.66 0.31 -1.34
CA LYS B 146 -19.26 -0.86 -0.54
C LYS B 146 -18.13 -0.54 0.44
N GLU B 147 -17.95 0.74 0.73
CA GLU B 147 -16.93 1.18 1.67
C GLU B 147 -17.16 0.56 3.05
N LEU B 148 -18.35 0.74 3.60
CA LEU B 148 -18.64 0.22 4.94
C LEU B 148 -18.61 -1.30 4.98
N ALA B 149 -19.06 -1.95 3.90
CA ALA B 149 -19.04 -3.41 3.85
C ALA B 149 -17.62 -3.91 3.91
N SER B 150 -16.71 -3.18 3.27
CA SER B 150 -15.29 -3.55 3.27
C SER B 150 -14.70 -3.40 4.67
N LEU B 151 -15.06 -2.32 5.35
CA LEU B 151 -14.60 -2.09 6.72
C LEU B 151 -15.09 -3.23 7.61
N LEU B 152 -16.36 -3.57 7.46
CA LEU B 152 -16.97 -4.63 8.24
C LEU B 152 -16.41 -6.02 7.91
N ALA B 153 -16.21 -6.29 6.63
CA ALA B 153 -15.61 -7.56 6.22
C ALA B 153 -14.25 -7.76 6.89
N TRP B 154 -13.48 -6.67 6.98
CA TRP B 154 -12.15 -6.74 7.58
C TRP B 154 -12.25 -6.98 9.08
N THR B 155 -13.42 -6.72 9.64
CA THR B 155 -13.64 -6.90 11.06
C THR B 155 -14.13 -8.33 11.34
N HIS B 156 -15.18 -8.72 10.61
CA HIS B 156 -15.77 -10.04 10.80
C HIS B 156 -14.85 -11.18 10.41
N GLN B 157 -13.93 -10.94 9.48
CA GLN B 157 -13.00 -11.99 9.08
C GLN B 157 -12.16 -12.43 10.27
N MET B 158 -12.05 -11.57 11.29
CA MET B 158 -11.27 -11.90 12.48
C MET B 158 -11.89 -13.02 13.30
N LYS B 159 -13.16 -13.32 13.04
CA LYS B 159 -13.86 -14.35 13.79
C LYS B 159 -13.89 -15.70 13.05
N ALA B 160 -13.36 -15.74 11.84
CA ALA B 160 -13.35 -16.97 11.05
C ALA B 160 -12.45 -18.03 11.68
N LYS B 161 -12.85 -19.29 11.56
CA LYS B 161 -12.06 -20.38 12.14
C LYS B 161 -11.62 -21.38 11.09
N ASN B 162 -11.90 -21.08 9.83
CA ASN B 162 -11.43 -21.93 8.74
C ASN B 162 -11.49 -21.18 7.41
N TRP B 163 -10.99 -21.83 6.37
CA TRP B 163 -10.93 -21.23 5.04
C TRP B 163 -12.30 -20.80 4.53
N GLN B 164 -13.31 -21.64 4.74
CA GLN B 164 -14.65 -21.33 4.26
C GLN B 164 -15.23 -20.10 4.94
N GLU B 165 -15.10 -20.01 6.26
CA GLU B 165 -15.65 -18.86 6.97
C GLU B 165 -14.88 -17.60 6.60
N TRP B 166 -13.58 -17.75 6.37
CA TRP B 166 -12.74 -16.60 6.07
C TRP B 166 -13.04 -16.07 4.67
N THR B 167 -13.14 -16.96 3.69
CA THR B 167 -13.42 -16.52 2.33
C THR B 167 -14.81 -15.90 2.21
N GLN B 168 -15.74 -16.36 3.05
CA GLN B 168 -17.07 -15.74 3.11
C GLN B 168 -16.93 -14.25 3.35
N GLN B 169 -15.96 -13.86 4.18
CA GLN B 169 -15.76 -12.45 4.48
C GLN B 169 -14.90 -11.77 3.41
N ALA B 170 -13.92 -12.48 2.89
CA ALA B 170 -13.07 -11.94 1.84
C ALA B 170 -13.95 -11.56 0.64
N ALA B 171 -15.03 -12.31 0.45
CA ALA B 171 -15.94 -12.05 -0.66
C ALA B 171 -16.68 -10.72 -0.49
N LYS B 172 -16.71 -10.19 0.73
CA LYS B 172 -17.43 -8.95 0.99
C LYS B 172 -16.50 -7.74 1.07
N GLN B 173 -15.20 -7.99 1.02
CA GLN B 173 -14.23 -6.90 1.02
C GLN B 173 -14.14 -6.43 -0.43
N ALA B 174 -14.48 -5.16 -0.68
CA ALA B 174 -14.63 -4.68 -2.05
C ALA B 174 -13.43 -3.92 -2.63
N LEU B 175 -12.52 -3.48 -1.77
CA LEU B 175 -11.32 -2.77 -2.25
C LEU B 175 -10.37 -3.77 -2.90
N THR B 176 -9.45 -3.28 -3.73
CA THR B 176 -8.52 -4.21 -4.36
C THR B 176 -7.34 -4.52 -3.43
N ILE B 177 -7.49 -5.61 -2.69
CA ILE B 177 -6.53 -5.97 -1.65
C ILE B 177 -6.25 -7.46 -1.68
N ASN B 178 -4.97 -7.83 -1.60
CA ASN B 178 -4.64 -9.23 -1.41
C ASN B 178 -4.82 -9.56 0.06
N TRP B 179 -5.56 -10.63 0.32
CA TRP B 179 -5.74 -11.13 1.67
C TRP B 179 -5.01 -12.46 1.79
N TYR B 180 -4.43 -12.72 2.97
CA TYR B 180 -3.69 -13.95 3.19
C TYR B 180 -4.19 -14.69 4.43
N TYR B 181 -4.11 -16.02 4.37
CA TYR B 181 -4.65 -16.87 5.41
C TYR B 181 -3.65 -17.96 5.82
N ALA B 182 -3.63 -18.28 7.11
CA ALA B 182 -2.88 -19.43 7.62
C ALA B 182 -3.61 -19.95 8.85
N ASP B 183 -3.42 -21.22 9.19
CA ASP B 183 -4.04 -21.73 10.41
C ASP B 183 -3.23 -22.76 11.18
N VAL B 184 -3.73 -23.08 12.38
CA VAL B 184 -3.06 -23.97 13.31
C VAL B 184 -2.78 -25.36 12.72
N ASN B 185 -3.54 -25.74 11.70
CA ASN B 185 -3.35 -27.04 11.08
C ASN B 185 -2.34 -27.00 9.95
N GLY B 186 -1.81 -25.81 9.67
CA GLY B 186 -0.81 -25.70 8.62
C GLY B 186 -1.37 -25.34 7.26
N ASN B 187 -2.68 -25.10 7.20
CA ASN B 187 -3.29 -24.66 5.94
C ASN B 187 -2.94 -23.21 5.68
N ILE B 188 -2.72 -22.87 4.41
CA ILE B 188 -2.46 -21.49 4.02
C ILE B 188 -3.28 -21.14 2.78
N GLY B 189 -3.63 -19.88 2.66
CA GLY B 189 -4.45 -19.46 1.55
C GLY B 189 -4.26 -18.01 1.14
N TYR B 190 -4.74 -17.69 -0.04
CA TYR B 190 -4.59 -16.37 -0.62
C TYR B 190 -5.81 -16.03 -1.45
N VAL B 191 -6.26 -14.78 -1.34
CA VAL B 191 -7.34 -14.27 -2.16
C VAL B 191 -7.03 -12.85 -2.60
N HIS B 192 -7.06 -12.62 -3.91
CA HIS B 192 -7.00 -11.28 -4.45
C HIS B 192 -8.43 -10.74 -4.36
N THR B 193 -8.77 -10.13 -3.24
CA THR B 193 -10.15 -9.70 -3.00
C THR B 193 -10.47 -8.42 -3.74
N GLY B 194 -11.75 -8.10 -3.81
CA GLY B 194 -12.17 -6.84 -4.38
C GLY B 194 -13.31 -6.94 -5.38
N ALA B 195 -14.03 -5.83 -5.52
CA ALA B 195 -15.05 -5.74 -6.54
C ALA B 195 -14.37 -5.34 -7.84
N TYR B 196 -14.64 -6.07 -8.92
CA TYR B 196 -14.12 -5.71 -10.22
C TYR B 196 -15.27 -5.64 -11.22
N PRO B 197 -15.23 -4.64 -12.11
CA PRO B 197 -16.32 -4.46 -13.07
C PRO B 197 -16.41 -5.55 -14.13
N ASP B 198 -17.64 -5.88 -14.49
CA ASP B 198 -17.91 -6.73 -15.65
C ASP B 198 -18.11 -5.77 -16.81
N ARG B 199 -17.05 -5.55 -17.57
CA ARG B 199 -17.06 -4.52 -18.61
C ARG B 199 -17.70 -5.00 -19.91
N GLN B 200 -18.26 -4.06 -20.67
CA GLN B 200 -18.82 -4.38 -21.98
C GLN B 200 -17.73 -4.93 -22.89
N SER B 201 -18.11 -5.81 -23.80
CA SER B 201 -17.17 -6.33 -24.79
C SER B 201 -16.46 -5.18 -25.48
N GLY B 202 -15.14 -5.29 -25.65
CA GLY B 202 -14.39 -4.27 -26.35
C GLY B 202 -13.95 -3.09 -25.48
N HIS B 203 -14.30 -3.12 -24.20
CA HIS B 203 -13.90 -2.06 -23.29
C HIS B 203 -12.45 -2.24 -22.87
N ASP B 204 -11.59 -1.31 -23.33
CA ASP B 204 -10.19 -1.31 -22.94
C ASP B 204 -10.09 -0.60 -21.59
N PRO B 205 -9.80 -1.33 -20.50
CA PRO B 205 -9.74 -0.75 -19.16
C PRO B 205 -8.61 0.24 -18.92
N ARG B 206 -7.75 0.42 -19.91
CA ARG B 206 -6.60 1.33 -19.79
C ARG B 206 -6.97 2.74 -20.25
N LEU B 207 -8.12 2.87 -20.89
CA LEU B 207 -8.52 4.16 -21.49
C LEU B 207 -9.95 4.51 -21.10
N PRO B 208 -10.28 5.82 -21.10
CA PRO B 208 -11.63 6.25 -20.73
C PRO B 208 -12.69 5.67 -21.66
N VAL B 209 -13.94 5.66 -21.21
CA VAL B 209 -15.06 5.29 -22.08
C VAL B 209 -16.17 6.34 -22.00
N PRO B 210 -16.98 6.44 -23.06
CA PRO B 210 -18.09 7.40 -23.09
C PRO B 210 -19.04 7.15 -21.91
N GLY B 211 -19.57 8.23 -21.35
CA GLY B 211 -20.51 8.08 -20.26
C GLY B 211 -21.96 8.08 -20.70
N THR B 212 -22.18 8.09 -22.01
CA THR B 212 -23.53 8.22 -22.55
C THR B 212 -24.39 6.97 -22.41
N GLY B 213 -23.83 5.90 -21.84
CA GLY B 213 -24.64 4.75 -21.49
C GLY B 213 -24.23 3.41 -22.08
N LYS B 214 -23.88 3.39 -23.35
CA LYS B 214 -23.54 2.14 -24.05
C LYS B 214 -22.32 1.43 -23.46
N TRP B 215 -21.51 2.17 -22.71
CA TRP B 215 -20.29 1.59 -22.15
C TRP B 215 -20.34 1.38 -20.64
N ASP B 216 -21.51 1.60 -20.04
CA ASP B 216 -21.70 1.36 -18.61
C ASP B 216 -21.39 -0.10 -18.29
N TRP B 217 -20.75 -0.32 -17.14
CA TRP B 217 -20.46 -1.69 -16.71
C TRP B 217 -21.75 -2.50 -16.68
N LYS B 218 -21.65 -3.80 -16.94
CA LYS B 218 -22.84 -4.66 -16.91
C LYS B 218 -23.15 -4.97 -15.46
N GLY B 219 -22.14 -4.82 -14.62
CA GLY B 219 -22.27 -5.10 -13.21
C GLY B 219 -20.90 -5.42 -12.65
N LEU B 220 -20.83 -6.21 -11.59
CA LEU B 220 -19.57 -6.61 -11.00
C LEU B 220 -19.36 -8.10 -11.20
N LEU B 221 -18.10 -8.52 -11.37
CA LEU B 221 -17.77 -9.92 -11.51
C LEU B 221 -18.02 -10.67 -10.21
N PRO B 222 -18.39 -11.97 -10.29
CA PRO B 222 -18.65 -12.79 -9.10
C PRO B 222 -17.35 -13.08 -8.34
N PHE B 223 -17.47 -13.51 -7.09
CA PHE B 223 -16.32 -13.84 -6.28
C PHE B 223 -15.53 -15.02 -6.87
N GLU B 224 -16.22 -15.86 -7.63
CA GLU B 224 -15.60 -17.01 -8.28
C GLU B 224 -14.42 -16.55 -9.15
N MET B 225 -14.53 -15.36 -9.72
CA MET B 225 -13.50 -14.85 -10.61
C MET B 225 -12.26 -14.31 -9.89
N ASN B 226 -12.40 -13.95 -8.62
CA ASN B 226 -11.26 -13.42 -7.87
C ASN B 226 -10.16 -14.47 -7.74
N PRO B 227 -8.94 -14.12 -8.16
CA PRO B 227 -7.83 -15.07 -8.03
C PRO B 227 -7.72 -15.54 -6.58
N LYS B 228 -7.61 -16.84 -6.37
CA LYS B 228 -7.49 -17.37 -5.02
C LYS B 228 -6.81 -18.72 -5.06
N VAL B 229 -6.17 -19.10 -3.96
CA VAL B 229 -5.55 -20.41 -3.86
C VAL B 229 -5.49 -20.86 -2.41
N TYR B 230 -5.78 -22.13 -2.19
CA TYR B 230 -5.74 -22.74 -0.87
C TYR B 230 -4.75 -23.90 -0.93
N ASN B 231 -3.78 -23.89 -0.02
CA ASN B 231 -2.74 -24.91 0.00
C ASN B 231 -2.13 -25.20 -1.38
N PRO B 232 -1.38 -24.23 -1.93
CA PRO B 232 -0.75 -24.40 -3.25
C PRO B 232 0.30 -25.51 -3.22
N GLN B 233 0.45 -26.18 -4.36
CA GLN B 233 1.45 -27.26 -4.51
C GLN B 233 2.85 -26.77 -4.12
N SER B 234 3.12 -25.49 -4.36
CA SER B 234 4.44 -24.93 -4.07
C SER B 234 4.77 -24.96 -2.59
N GLY B 235 3.74 -24.94 -1.76
CA GLY B 235 3.97 -24.95 -0.32
C GLY B 235 4.15 -23.56 0.25
N TYR B 236 4.01 -22.53 -0.58
CA TYR B 236 4.14 -21.17 -0.09
C TYR B 236 3.36 -20.16 -0.93
N ILE B 237 3.13 -19.01 -0.31
CA ILE B 237 2.44 -17.89 -0.95
C ILE B 237 3.28 -16.65 -0.72
N ALA B 238 3.78 -16.05 -1.80
CA ALA B 238 4.64 -14.89 -1.68
C ALA B 238 4.14 -13.77 -2.58
N ASN B 239 4.16 -12.55 -2.07
CA ASN B 239 3.70 -11.42 -2.84
C ASN B 239 4.47 -10.18 -2.44
N TRP B 240 4.79 -9.35 -3.43
CA TRP B 240 5.42 -8.06 -3.17
C TRP B 240 4.85 -7.08 -4.19
N ALA B 241 3.52 -7.01 -4.22
CA ALA B 241 2.78 -6.15 -5.13
C ALA B 241 2.86 -6.67 -6.57
N ASN B 242 3.13 -7.96 -6.71
CA ASN B 242 3.20 -8.60 -8.02
C ASN B 242 1.84 -9.17 -8.41
N SER B 243 1.78 -9.71 -9.63
CA SER B 243 0.54 -10.26 -10.15
C SER B 243 0.02 -11.44 -9.36
N PRO B 244 -1.29 -11.48 -9.11
CA PRO B 244 -1.94 -12.58 -8.39
C PRO B 244 -1.88 -13.90 -9.14
N GLN B 245 -2.07 -13.84 -10.46
CA GLN B 245 -2.39 -15.03 -11.21
C GLN B 245 -2.12 -14.84 -12.70
N LYS B 246 -1.71 -15.92 -13.38
CA LYS B 246 -1.43 -15.81 -14.80
C LYS B 246 -2.63 -15.20 -15.53
N ASP B 247 -2.36 -14.27 -16.43
CA ASP B 247 -3.38 -13.61 -17.23
C ASP B 247 -4.20 -12.57 -16.49
N TYR B 248 -3.90 -12.32 -15.22
CA TYR B 248 -4.69 -11.34 -14.47
C TYR B 248 -4.17 -9.93 -14.76
N PRO B 249 -5.06 -9.03 -15.22
CA PRO B 249 -4.70 -7.66 -15.58
C PRO B 249 -4.44 -6.72 -14.39
N ALA B 250 -3.38 -5.93 -14.52
CA ALA B 250 -3.00 -4.98 -13.49
C ALA B 250 -3.76 -3.67 -13.57
N SER B 251 -3.61 -2.88 -12.51
CA SER B 251 -4.07 -1.49 -12.46
C SER B 251 -3.73 -0.78 -13.76
N ASP B 252 -4.55 0.19 -14.16
CA ASP B 252 -4.29 0.88 -15.42
C ASP B 252 -3.21 1.96 -15.31
N LEU B 253 -2.67 2.17 -14.11
CA LEU B 253 -1.63 3.18 -13.90
C LEU B 253 -0.46 2.98 -14.86
N PHE B 254 -0.12 4.02 -15.61
CA PHE B 254 0.95 3.89 -16.60
C PHE B 254 2.29 3.60 -15.95
N ALA B 255 2.42 3.96 -14.67
CA ALA B 255 3.65 3.74 -13.95
C ALA B 255 3.68 2.38 -13.23
N PHE B 256 2.66 1.56 -13.47
CA PHE B 256 2.60 0.26 -12.80
C PHE B 256 2.46 -0.88 -13.79
N LEU B 257 3.41 -1.82 -13.73
CA LEU B 257 3.39 -2.97 -14.63
C LEU B 257 3.71 -4.25 -13.89
N TRP B 258 3.06 -5.34 -14.30
CA TRP B 258 3.47 -6.67 -13.88
C TRP B 258 4.11 -7.34 -15.09
N GLY B 259 5.43 -7.47 -15.08
CA GLY B 259 6.13 -8.08 -16.20
C GLY B 259 7.17 -9.09 -15.75
N GLY B 260 8.02 -9.49 -16.68
CA GLY B 260 9.06 -10.47 -16.36
C GLY B 260 9.92 -10.03 -15.19
N ALA B 261 10.24 -8.75 -15.16
CA ALA B 261 11.03 -8.18 -14.07
C ALA B 261 10.12 -7.81 -12.91
N ASP B 262 10.25 -8.54 -11.80
CA ASP B 262 9.41 -8.29 -10.64
C ASP B 262 10.16 -8.64 -9.37
N ARG B 263 10.10 -7.74 -8.39
CA ARG B 263 10.84 -7.89 -7.14
C ARG B 263 10.40 -9.07 -6.30
N VAL B 264 9.24 -9.66 -6.59
CA VAL B 264 8.78 -10.78 -5.79
C VAL B 264 9.70 -11.99 -5.99
N THR B 265 10.40 -12.01 -7.11
CA THR B 265 11.31 -13.10 -7.40
C THR B 265 12.39 -13.21 -6.35
N GLU B 266 12.75 -12.07 -5.76
CA GLU B 266 13.75 -12.05 -4.71
C GLU B 266 13.25 -12.87 -3.52
N ILE B 267 11.94 -12.83 -3.27
CA ILE B 267 11.35 -13.59 -2.17
C ILE B 267 11.26 -15.07 -2.54
N ASP B 268 10.73 -15.35 -3.72
CA ASP B 268 10.59 -16.74 -4.17
C ASP B 268 11.93 -17.46 -4.06
N ARG B 269 12.97 -16.80 -4.57
CA ARG B 269 14.30 -17.39 -4.58
C ARG B 269 14.72 -17.82 -3.18
N LEU B 270 14.50 -16.97 -2.19
CA LEU B 270 14.92 -17.28 -0.82
C LEU B 270 14.07 -18.38 -0.20
N LEU B 271 12.79 -18.42 -0.52
CA LEU B 271 11.91 -19.45 0.01
C LEU B 271 12.21 -20.80 -0.63
N GLU B 272 12.53 -20.80 -1.92
CA GLU B 272 12.80 -22.05 -2.63
C GLU B 272 14.23 -22.53 -2.43
N GLN B 273 15.10 -21.65 -1.93
CA GLN B 273 16.50 -22.03 -1.72
C GLN B 273 16.59 -23.16 -0.71
N LYS B 274 15.73 -23.14 0.30
CA LYS B 274 15.71 -24.16 1.35
C LYS B 274 14.40 -24.93 1.35
N PRO B 275 14.46 -26.26 1.39
CA PRO B 275 13.26 -27.10 1.42
C PRO B 275 12.28 -26.63 2.51
N ARG B 276 12.80 -26.43 3.72
CA ARG B 276 11.99 -25.95 4.82
C ARG B 276 12.62 -24.75 5.50
N LEU B 277 11.78 -23.88 6.07
CA LEU B 277 12.26 -22.72 6.81
C LEU B 277 11.70 -22.73 8.22
N THR B 278 12.51 -22.30 9.18
CA THR B 278 12.06 -22.13 10.53
C THR B 278 11.46 -20.73 10.64
N ALA B 279 10.83 -20.45 11.78
CA ALA B 279 10.27 -19.13 12.02
C ALA B 279 11.37 -18.07 11.89
N ASP B 280 12.53 -18.30 12.53
CA ASP B 280 13.63 -17.35 12.47
C ASP B 280 14.15 -17.14 11.05
N GLN B 281 14.19 -18.21 10.27
CA GLN B 281 14.63 -18.10 8.89
C GLN B 281 13.60 -17.33 8.06
N ALA B 282 12.32 -17.59 8.31
CA ALA B 282 11.27 -16.85 7.61
C ALA B 282 11.39 -15.35 7.94
N TRP B 283 11.64 -15.05 9.20
CA TRP B 283 11.79 -13.66 9.63
C TRP B 283 13.01 -13.02 8.96
N ASP B 284 14.12 -13.77 8.88
CA ASP B 284 15.35 -13.25 8.29
C ASP B 284 15.17 -12.79 6.85
N VAL B 285 14.14 -13.30 6.17
CA VAL B 285 13.86 -12.88 4.81
C VAL B 285 13.54 -11.39 4.73
N ILE B 286 13.04 -10.83 5.82
CA ILE B 286 12.78 -9.39 5.90
C ILE B 286 14.12 -8.66 5.75
N ARG B 287 15.07 -9.02 6.60
CA ARG B 287 16.39 -8.42 6.57
C ARG B 287 17.00 -8.49 5.18
N GLN B 288 16.97 -9.69 4.57
CA GLN B 288 17.61 -9.87 3.28
C GLN B 288 16.94 -9.09 2.15
N THR B 289 15.62 -9.21 2.03
CA THR B 289 14.92 -8.48 0.98
C THR B 289 15.00 -6.97 1.18
N SER B 290 15.07 -6.50 2.43
CA SER B 290 15.10 -5.06 2.68
C SER B 290 16.42 -4.43 2.27
N ARG B 291 17.44 -5.27 2.09
CA ARG B 291 18.77 -4.80 1.73
C ARG B 291 19.13 -5.17 0.30
N GLN B 292 18.24 -5.90 -0.36
CA GLN B 292 18.52 -6.44 -1.69
C GLN B 292 18.32 -5.43 -2.80
N ASP B 293 19.39 -5.14 -3.54
CA ASP B 293 19.25 -4.31 -4.72
C ASP B 293 18.39 -5.09 -5.69
N LEU B 294 17.34 -4.46 -6.22
CA LEU B 294 16.34 -5.15 -7.01
C LEU B 294 16.65 -5.19 -8.51
N ASN B 295 17.67 -4.45 -8.93
CA ASN B 295 18.01 -4.39 -10.35
C ASN B 295 19.19 -5.27 -10.75
N LEU B 296 20.07 -5.57 -9.79
CA LEU B 296 21.24 -6.39 -10.07
C LEU B 296 20.86 -7.67 -10.82
N ARG B 297 19.92 -8.43 -10.26
CA ARG B 297 19.50 -9.70 -10.84
C ARG B 297 18.98 -9.52 -12.27
N LEU B 298 18.28 -8.42 -12.50
CA LEU B 298 17.63 -8.17 -13.79
C LEU B 298 18.60 -7.87 -14.92
N PHE B 299 19.66 -7.11 -14.63
CA PHE B 299 20.51 -6.60 -15.70
C PHE B 299 21.93 -7.13 -15.75
N LEU B 300 22.35 -7.83 -14.71
CA LEU B 300 23.72 -8.35 -14.68
C LEU B 300 24.02 -9.23 -15.89
N PRO B 301 23.08 -10.10 -16.30
CA PRO B 301 23.37 -10.94 -17.47
C PRO B 301 23.67 -10.09 -18.71
N THR B 302 22.83 -9.09 -18.95
CA THR B 302 23.02 -8.16 -20.06
C THR B 302 24.37 -7.46 -19.96
N LEU B 303 24.70 -7.00 -18.76
CA LEU B 303 25.96 -6.31 -18.51
C LEU B 303 27.14 -7.24 -18.77
N GLN B 304 27.00 -8.50 -18.36
CA GLN B 304 28.07 -9.48 -18.52
C GLN B 304 28.28 -9.83 -19.99
N ALA B 305 27.19 -9.98 -20.73
CA ALA B 305 27.28 -10.29 -22.15
C ALA B 305 27.97 -9.15 -22.90
N ALA B 306 27.58 -7.92 -22.58
CA ALA B 306 28.13 -6.75 -23.26
C ALA B 306 29.63 -6.55 -23.00
N THR B 307 30.09 -6.99 -21.83
CA THR B 307 31.48 -6.76 -21.45
C THR B 307 32.35 -8.02 -21.50
N SER B 308 31.74 -9.14 -21.87
CA SER B 308 32.45 -10.41 -21.89
C SER B 308 33.71 -10.37 -22.76
N GLY B 309 33.69 -9.52 -23.78
CA GLY B 309 34.81 -9.46 -24.70
C GLY B 309 35.82 -8.35 -24.44
N LEU B 310 35.53 -7.49 -23.48
CA LEU B 310 36.41 -6.36 -23.19
C LEU B 310 37.65 -6.78 -22.38
N THR B 311 38.77 -6.13 -22.67
CA THR B 311 40.01 -6.42 -21.95
C THR B 311 39.89 -6.03 -20.49
N GLN B 312 40.67 -6.70 -19.64
CA GLN B 312 40.66 -6.47 -18.20
C GLN B 312 40.88 -5.01 -17.83
N SER B 313 41.60 -4.26 -18.67
CA SER B 313 41.93 -2.88 -18.35
C SER B 313 40.82 -1.89 -18.71
N ASP B 314 39.80 -2.38 -19.40
CA ASP B 314 38.65 -1.54 -19.75
C ASP B 314 37.85 -1.30 -18.46
N PRO B 315 37.63 -0.03 -18.09
CA PRO B 315 36.89 0.30 -16.87
C PRO B 315 35.44 -0.19 -16.86
N ARG B 316 34.78 -0.13 -18.01
CA ARG B 316 33.42 -0.63 -18.14
C ARG B 316 33.41 -2.10 -17.75
N ARG B 317 34.45 -2.81 -18.16
CA ARG B 317 34.64 -4.19 -17.79
C ARG B 317 34.75 -4.36 -16.28
N GLN B 318 35.56 -3.54 -15.63
CA GLN B 318 35.76 -3.69 -14.20
C GLN B 318 34.53 -3.32 -13.38
N LEU B 319 33.70 -2.42 -13.90
CA LEU B 319 32.45 -2.09 -13.23
C LEU B 319 31.53 -3.32 -13.18
N VAL B 320 31.49 -4.07 -14.27
CA VAL B 320 30.67 -5.27 -14.36
C VAL B 320 31.22 -6.39 -13.48
N GLU B 321 32.54 -6.53 -13.44
CA GLU B 321 33.14 -7.53 -12.59
C GLU B 321 32.82 -7.22 -11.13
N THR B 322 32.81 -5.93 -10.80
CA THR B 322 32.45 -5.48 -9.46
C THR B 322 31.05 -5.98 -9.10
N LEU B 323 30.12 -5.86 -10.05
CA LEU B 323 28.75 -6.29 -9.84
C LEU B 323 28.64 -7.81 -9.79
N THR B 324 29.44 -8.48 -10.61
CA THR B 324 29.39 -9.93 -10.67
C THR B 324 29.82 -10.56 -9.36
N ARG B 325 30.78 -9.94 -8.67
CA ARG B 325 31.24 -10.44 -7.38
C ARG B 325 30.30 -10.11 -6.23
N TRP B 326 29.29 -9.28 -6.51
CA TRP B 326 28.42 -8.75 -5.47
C TRP B 326 27.12 -9.53 -5.34
N ASP B 327 26.65 -9.73 -4.12
CA ASP B 327 25.40 -10.42 -3.92
C ASP B 327 24.20 -9.47 -3.94
N GLY B 328 24.47 -8.18 -4.05
CA GLY B 328 23.40 -7.21 -4.13
C GLY B 328 22.82 -6.80 -2.79
N ILE B 329 23.37 -7.34 -1.71
CA ILE B 329 22.89 -7.06 -0.36
C ILE B 329 23.67 -5.89 0.23
N ASN B 330 23.03 -4.72 0.29
CA ASN B 330 23.71 -3.54 0.81
C ASN B 330 23.90 -3.56 2.31
N LEU B 331 25.08 -3.13 2.74
CA LEU B 331 25.39 -3.04 4.16
C LEU B 331 26.14 -1.73 4.42
N LEU B 332 25.81 -1.06 5.52
CA LEU B 332 26.45 0.19 5.86
C LEU B 332 27.90 -0.02 6.28
N ASN B 333 28.75 0.95 5.94
CA ASN B 333 30.11 0.97 6.47
C ASN B 333 30.04 1.39 7.93
N ASP B 334 31.18 1.44 8.61
CA ASP B 334 31.20 1.77 10.03
C ASP B 334 30.85 3.23 10.26
N ASP B 335 31.02 4.06 9.24
CA ASP B 335 30.66 5.47 9.35
C ASP B 335 29.15 5.61 9.52
N GLY B 336 28.43 4.53 9.26
CA GLY B 336 26.98 4.55 9.38
C GLY B 336 26.31 5.48 8.38
N LYS B 337 26.96 5.74 7.25
CA LYS B 337 26.32 6.57 6.24
C LYS B 337 26.59 6.18 4.79
N THR B 338 27.62 5.36 4.55
CA THR B 338 27.91 4.91 3.20
C THR B 338 27.80 3.39 3.10
N TRP B 339 27.57 2.89 1.89
CA TRP B 339 27.45 1.46 1.71
C TRP B 339 28.81 0.81 1.43
N GLN B 340 28.95 -0.43 1.89
CA GLN B 340 30.19 -1.17 1.74
C GLN B 340 30.58 -1.37 0.29
N GLN B 341 29.59 -1.60 -0.57
CA GLN B 341 29.83 -1.82 -1.99
C GLN B 341 29.13 -0.74 -2.81
N PRO B 342 29.72 -0.33 -3.95
CA PRO B 342 29.16 0.72 -4.80
C PRO B 342 28.16 0.23 -5.84
N GLY B 343 27.76 -1.03 -5.74
CA GLY B 343 26.90 -1.63 -6.75
C GLY B 343 25.64 -0.88 -7.10
N SER B 344 24.89 -0.44 -6.09
CA SER B 344 23.65 0.27 -6.35
C SER B 344 23.88 1.58 -7.09
N ALA B 345 24.92 2.32 -6.72
CA ALA B 345 25.26 3.56 -7.41
C ALA B 345 25.61 3.29 -8.86
N ILE B 346 26.33 2.20 -9.10
CA ILE B 346 26.70 1.84 -10.46
C ILE B 346 25.45 1.53 -11.28
N LEU B 347 24.58 0.68 -10.73
CA LEU B 347 23.35 0.32 -11.41
C LEU B 347 22.44 1.52 -11.63
N ASN B 348 22.43 2.43 -10.66
CA ASN B 348 21.60 3.62 -10.75
C ASN B 348 22.03 4.46 -11.95
N VAL B 349 23.30 4.85 -11.98
CA VAL B 349 23.82 5.66 -13.07
C VAL B 349 23.67 4.96 -14.41
N TRP B 350 24.01 3.68 -14.46
CA TRP B 350 23.90 2.91 -15.70
C TRP B 350 22.46 2.86 -16.19
N LEU B 351 21.55 2.45 -15.32
CA LEU B 351 20.15 2.30 -15.67
C LEU B 351 19.54 3.64 -16.08
N THR B 352 19.88 4.71 -15.36
CA THR B 352 19.40 6.03 -15.74
C THR B 352 19.81 6.31 -17.19
N SER B 353 21.08 6.09 -17.49
CA SER B 353 21.58 6.34 -18.84
C SER B 353 20.91 5.44 -19.88
N MET B 354 20.71 4.17 -19.53
CA MET B 354 20.07 3.23 -20.43
C MET B 354 18.67 3.68 -20.81
N LEU B 355 17.90 4.07 -19.80
CA LEU B 355 16.52 4.47 -20.04
C LEU B 355 16.50 5.71 -20.93
N LYS B 356 17.40 6.65 -20.65
CA LYS B 356 17.49 7.86 -21.46
C LYS B 356 17.77 7.51 -22.91
N ARG B 357 18.60 6.49 -23.11
CA ARG B 357 19.03 6.08 -24.44
C ARG B 357 18.01 5.23 -25.16
N THR B 358 17.11 4.59 -24.41
CA THR B 358 16.18 3.65 -25.00
C THR B 358 14.72 4.06 -24.90
N VAL B 359 14.06 3.68 -23.80
CA VAL B 359 12.64 3.95 -23.64
C VAL B 359 12.34 5.44 -23.74
N VAL B 360 13.05 6.25 -22.97
CA VAL B 360 12.83 7.69 -22.99
C VAL B 360 12.90 8.21 -24.43
N ALA B 361 13.88 7.71 -25.18
CA ALA B 361 14.09 8.14 -26.56
C ALA B 361 12.94 7.77 -27.49
N ALA B 362 12.28 6.65 -27.23
CA ALA B 362 11.21 6.17 -28.11
C ALA B 362 9.85 6.76 -27.78
N VAL B 363 9.75 7.50 -26.68
CA VAL B 363 8.46 8.04 -26.27
C VAL B 363 8.40 9.55 -26.46
N PRO B 364 7.32 10.04 -27.08
CA PRO B 364 7.17 11.48 -27.30
C PRO B 364 7.07 12.26 -25.99
N MET B 365 7.63 13.47 -25.99
CA MET B 365 7.53 14.35 -24.85
C MET B 365 6.09 14.82 -24.70
N PRO B 366 5.64 15.10 -23.46
CA PRO B 366 6.40 15.00 -22.21
C PRO B 366 6.26 13.63 -21.56
N PHE B 367 5.57 12.73 -22.26
CA PHE B 367 5.31 11.40 -21.74
C PHE B 367 6.61 10.63 -21.49
N ASP B 368 7.66 10.99 -22.20
CA ASP B 368 8.94 10.30 -22.07
C ASP B 368 9.45 10.34 -20.63
N LYS B 369 9.11 11.40 -19.92
CA LYS B 369 9.50 11.53 -18.52
C LYS B 369 8.98 10.38 -17.65
N TRP B 370 7.85 9.80 -18.04
CA TRP B 370 7.27 8.70 -17.26
C TRP B 370 8.21 7.50 -17.15
N TYR B 371 9.19 7.43 -18.03
CA TYR B 371 10.00 6.21 -18.16
C TYR B 371 11.48 6.46 -17.93
N SER B 372 11.80 7.60 -17.33
CA SER B 372 13.19 8.00 -17.14
C SER B 372 13.77 7.64 -15.77
N ALA B 373 12.90 7.37 -14.79
CA ALA B 373 13.36 7.07 -13.44
C ALA B 373 14.00 5.70 -13.31
N SER B 374 15.11 5.63 -12.57
CA SER B 374 15.82 4.38 -12.37
C SER B 374 15.26 3.64 -11.17
N GLY B 375 14.51 4.34 -10.33
CA GLY B 375 13.94 3.72 -9.15
C GLY B 375 14.78 3.96 -7.91
N TYR B 376 15.95 4.58 -8.08
CA TYR B 376 16.83 4.87 -6.95
C TYR B 376 16.65 6.31 -6.44
N GLU B 377 15.95 7.14 -7.22
CA GLU B 377 15.77 8.55 -6.87
C GLU B 377 15.27 8.68 -5.43
N THR B 378 15.89 9.58 -4.66
CA THR B 378 15.50 9.79 -3.28
C THR B 378 16.02 11.13 -2.78
N THR B 379 15.61 11.49 -1.57
CA THR B 379 16.08 12.73 -0.96
C THR B 379 16.88 12.40 0.29
N GLN B 380 17.37 13.45 0.95
CA GLN B 380 18.13 13.29 2.18
C GLN B 380 17.39 12.44 3.20
N ASP B 381 16.07 12.63 3.29
CA ASP B 381 15.26 11.87 4.24
C ASP B 381 15.03 10.43 3.81
N GLY B 382 15.34 10.12 2.55
CA GLY B 382 15.21 8.76 2.07
C GLY B 382 13.88 8.46 1.43
N PRO B 383 13.72 7.27 0.83
CA PRO B 383 12.49 6.86 0.17
C PRO B 383 11.27 7.06 1.07
N THR B 384 10.15 7.48 0.48
CA THR B 384 8.93 7.69 1.24
C THR B 384 8.15 6.39 1.29
N GLY B 385 8.61 5.40 0.53
CA GLY B 385 7.94 4.12 0.52
C GLY B 385 8.90 2.99 0.19
N SER B 386 8.35 1.93 -0.38
CA SER B 386 9.15 0.79 -0.80
C SER B 386 9.99 1.18 -1.99
N LEU B 387 11.06 0.42 -2.22
CA LEU B 387 11.83 0.55 -3.45
C LEU B 387 11.34 -0.53 -4.39
N ASN B 388 11.26 -0.22 -5.68
CA ASN B 388 10.76 -1.16 -6.67
C ASN B 388 11.56 -1.02 -7.95
N ILE B 389 11.34 -1.93 -8.88
CA ILE B 389 11.90 -1.82 -10.22
C ILE B 389 11.01 -0.82 -10.98
N SER B 390 11.63 0.23 -11.52
CA SER B 390 10.85 1.30 -12.15
C SER B 390 10.13 0.82 -13.40
N VAL B 391 9.06 1.51 -13.77
CA VAL B 391 8.30 1.13 -14.96
C VAL B 391 9.21 1.12 -16.19
N GLY B 392 10.11 2.10 -16.25
CA GLY B 392 11.04 2.17 -17.36
C GLY B 392 11.97 0.97 -17.41
N ALA B 393 12.43 0.54 -16.24
CA ALA B 393 13.33 -0.60 -16.14
C ALA B 393 12.62 -1.90 -16.54
N LYS B 394 11.35 -2.02 -16.16
CA LYS B 394 10.61 -3.24 -16.51
C LYS B 394 10.42 -3.34 -18.02
N ILE B 395 10.27 -2.20 -18.68
CA ILE B 395 10.14 -2.16 -20.13
C ILE B 395 11.49 -2.45 -20.78
N LEU B 396 12.54 -1.87 -20.20
CA LEU B 396 13.88 -2.11 -20.71
C LEU B 396 14.22 -3.59 -20.57
N TYR B 397 13.75 -4.19 -19.47
CA TYR B 397 14.01 -5.61 -19.23
C TYR B 397 13.44 -6.45 -20.36
N GLU B 398 12.19 -6.20 -20.73
CA GLU B 398 11.57 -6.95 -21.82
C GLU B 398 12.43 -6.80 -23.06
N ALA B 399 12.93 -5.60 -23.29
CA ALA B 399 13.73 -5.31 -24.48
C ALA B 399 15.05 -6.08 -24.50
N VAL B 400 15.76 -6.10 -23.36
CA VAL B 400 17.04 -6.82 -23.33
C VAL B 400 16.84 -8.33 -23.28
N GLN B 401 15.61 -8.77 -23.02
CA GLN B 401 15.31 -10.19 -23.03
C GLN B 401 15.16 -10.71 -24.45
N GLY B 402 15.07 -9.80 -25.40
CA GLY B 402 14.92 -10.20 -26.78
C GLY B 402 13.72 -11.09 -27.03
N ASP B 403 13.92 -12.14 -27.83
CA ASP B 403 12.84 -13.05 -28.17
C ASP B 403 12.29 -13.82 -26.98
N LYS B 404 13.03 -13.84 -25.88
CA LYS B 404 12.58 -14.50 -24.66
C LYS B 404 11.44 -13.72 -24.00
N SER B 405 11.16 -12.53 -24.50
CA SER B 405 10.06 -11.70 -24.00
C SER B 405 8.78 -11.95 -24.76
N PRO B 406 7.66 -12.11 -24.05
CA PRO B 406 6.37 -12.34 -24.69
C PRO B 406 5.75 -11.05 -25.23
N ILE B 407 6.41 -9.92 -24.94
CA ILE B 407 5.91 -8.63 -25.37
C ILE B 407 6.48 -8.23 -26.73
N PRO B 408 5.63 -8.14 -27.77
CA PRO B 408 6.12 -7.76 -29.09
C PRO B 408 6.79 -6.39 -29.01
N GLN B 409 8.00 -6.28 -29.54
CA GLN B 409 8.70 -5.00 -29.54
C GLN B 409 8.34 -4.22 -30.80
N ALA B 410 7.16 -3.59 -30.77
CA ALA B 410 6.65 -2.81 -31.89
C ALA B 410 7.72 -1.81 -32.35
N VAL B 411 8.39 -1.18 -31.39
CA VAL B 411 9.51 -0.32 -31.69
C VAL B 411 10.76 -0.82 -30.96
N ASP B 412 11.88 -0.85 -31.67
CA ASP B 412 13.17 -1.27 -31.11
C ASP B 412 13.72 -0.15 -30.23
N LEU B 413 13.69 -0.38 -28.92
CA LEU B 413 14.15 0.63 -27.97
C LEU B 413 15.61 1.00 -28.18
N PHE B 414 16.36 0.13 -28.85
CA PHE B 414 17.76 0.41 -29.16
C PHE B 414 17.88 1.01 -30.55
N ALA B 415 16.73 1.18 -31.20
CA ALA B 415 16.64 1.80 -32.52
C ALA B 415 17.74 1.36 -33.48
N GLY B 416 17.76 0.07 -33.80
CA GLY B 416 18.69 -0.42 -34.82
C GLY B 416 20.10 -0.70 -34.34
N LYS B 417 20.53 0.01 -33.30
CA LYS B 417 21.88 -0.19 -32.78
C LYS B 417 21.98 -1.47 -31.97
N PRO B 418 23.17 -2.10 -31.98
CA PRO B 418 23.38 -3.34 -31.21
C PRO B 418 23.18 -3.02 -29.73
N GLN B 419 22.45 -3.88 -29.02
CA GLN B 419 22.21 -3.65 -27.61
C GLN B 419 23.53 -3.51 -26.85
N GLN B 420 24.52 -4.30 -27.25
CA GLN B 420 25.85 -4.24 -26.62
C GLN B 420 26.42 -2.82 -26.67
N GLU B 421 26.30 -2.18 -27.82
CA GLU B 421 26.82 -0.84 -28.01
C GLU B 421 26.18 0.14 -27.02
N VAL B 422 24.86 0.11 -26.93
CA VAL B 422 24.15 0.98 -26.00
C VAL B 422 24.52 0.65 -24.56
N VAL B 423 24.56 -0.64 -24.23
CA VAL B 423 24.93 -1.06 -22.88
C VAL B 423 26.32 -0.56 -22.52
N LEU B 424 27.26 -0.72 -23.46
CA LEU B 424 28.63 -0.27 -23.23
C LEU B 424 28.69 1.25 -23.15
N ALA B 425 27.87 1.94 -23.94
CA ALA B 425 27.84 3.40 -23.93
C ALA B 425 27.35 3.91 -22.58
N ALA B 426 26.40 3.20 -21.99
CA ALA B 426 25.88 3.57 -20.68
C ALA B 426 26.91 3.27 -19.60
N LEU B 427 27.68 2.21 -19.78
CA LEU B 427 28.74 1.89 -18.83
C LEU B 427 29.84 2.96 -18.88
N GLU B 428 30.08 3.49 -20.07
CA GLU B 428 31.04 4.58 -20.23
C GLU B 428 30.54 5.81 -19.47
N ASP B 429 29.26 6.15 -19.64
CA ASP B 429 28.65 7.26 -18.89
C ASP B 429 28.84 7.02 -17.40
N THR B 430 28.63 5.78 -17.00
CA THR B 430 28.68 5.43 -15.58
C THR B 430 30.09 5.58 -15.03
N TRP B 431 31.09 5.11 -15.77
CA TRP B 431 32.46 5.23 -15.31
C TRP B 431 32.89 6.70 -15.23
N GLU B 432 32.50 7.49 -16.23
CA GLU B 432 32.84 8.91 -16.21
C GLU B 432 32.25 9.58 -14.99
N THR B 433 30.94 9.47 -14.84
CA THR B 433 30.22 10.06 -13.72
C THR B 433 30.81 9.64 -12.38
N LEU B 434 30.89 8.34 -12.14
CA LEU B 434 31.34 7.86 -10.84
C LEU B 434 32.83 8.10 -10.56
N SER B 435 33.69 7.84 -11.55
CA SER B 435 35.12 8.02 -11.34
C SER B 435 35.44 9.49 -11.12
N LYS B 436 34.64 10.37 -11.71
CA LYS B 436 34.83 11.80 -11.54
C LYS B 436 34.58 12.18 -10.07
N ARG B 437 33.54 11.59 -9.49
CA ARG B 437 33.15 11.91 -8.12
C ARG B 437 33.95 11.16 -7.06
N TYR B 438 34.26 9.90 -7.32
CA TYR B 438 34.88 9.05 -6.31
C TYR B 438 36.35 8.69 -6.58
N GLY B 439 36.88 9.09 -7.73
CA GLY B 439 38.24 8.72 -8.06
C GLY B 439 38.26 7.43 -8.87
N ASN B 440 39.45 6.95 -9.21
CA ASN B 440 39.58 5.80 -10.09
C ASN B 440 39.77 4.47 -9.37
N ASN B 441 39.85 4.50 -8.05
CA ASN B 441 40.00 3.27 -7.27
C ASN B 441 38.66 2.83 -6.69
N VAL B 442 37.97 1.98 -7.45
CA VAL B 442 36.64 1.50 -7.08
C VAL B 442 36.60 0.92 -5.67
N SER B 443 37.66 0.21 -5.28
CA SER B 443 37.68 -0.47 -4.00
C SER B 443 37.59 0.47 -2.80
N ASN B 444 37.82 1.77 -3.00
CA ASN B 444 37.69 2.71 -1.89
C ASN B 444 36.50 3.65 -2.10
N TRP B 445 35.64 3.33 -3.06
CA TRP B 445 34.43 4.10 -3.28
C TRP B 445 33.47 3.92 -2.12
N LYS B 446 33.15 5.02 -1.45
CA LYS B 446 32.18 4.97 -0.37
C LYS B 446 30.95 5.77 -0.79
N THR B 447 29.99 5.06 -1.35
CA THR B 447 28.80 5.69 -1.89
C THR B 447 27.77 5.89 -0.78
N PRO B 448 26.95 6.94 -0.89
CA PRO B 448 25.94 7.28 0.10
C PRO B 448 24.88 6.19 0.23
N ALA B 449 24.60 5.77 1.46
CA ALA B 449 23.51 4.82 1.69
C ALA B 449 22.22 5.60 1.81
N MET B 450 21.11 4.96 1.51
CA MET B 450 19.81 5.57 1.73
C MET B 450 19.48 5.49 3.20
N ALA B 451 18.88 6.56 3.73
CA ALA B 451 18.46 6.59 5.11
C ALA B 451 16.95 6.43 5.17
N LEU B 452 16.40 6.40 6.38
CA LEU B 452 14.98 6.21 6.57
C LEU B 452 14.44 7.17 7.61
N THR B 453 13.26 7.72 7.35
CA THR B 453 12.69 8.72 8.22
C THR B 453 11.25 8.39 8.61
N PHE B 454 10.96 8.37 9.90
CA PHE B 454 9.59 8.28 10.38
C PHE B 454 9.08 9.72 10.39
N ARG B 455 8.24 10.04 9.42
CA ARG B 455 7.82 11.41 9.19
C ARG B 455 6.71 11.87 10.13
N ALA B 456 6.76 13.13 10.52
CA ALA B 456 5.79 13.71 11.45
C ALA B 456 4.49 14.10 10.74
N ASN B 457 4.56 14.19 9.42
CA ASN B 457 3.38 14.42 8.59
C ASN B 457 2.88 13.06 8.12
N ASN B 458 1.56 12.82 8.17
CA ASN B 458 1.03 11.54 7.70
C ASN B 458 1.13 11.51 6.17
N PHE B 459 0.68 10.43 5.55
CA PHE B 459 0.91 10.24 4.12
C PHE B 459 0.20 11.29 3.27
N PHE B 460 -0.80 11.95 3.86
CA PHE B 460 -1.49 13.03 3.16
C PHE B 460 -0.61 14.27 3.04
N GLY B 461 0.46 14.32 3.83
CA GLY B 461 1.28 15.51 3.88
C GLY B 461 0.75 16.42 4.98
N VAL B 462 -0.05 15.85 5.87
CA VAL B 462 -0.66 16.60 6.96
C VAL B 462 -0.02 16.26 8.30
N PRO B 463 0.40 17.29 9.06
CA PRO B 463 0.99 17.08 10.37
C PRO B 463 0.15 16.18 11.27
N GLN B 464 0.77 15.15 11.82
CA GLN B 464 0.10 14.31 12.80
C GLN B 464 0.94 14.29 14.08
N ALA B 465 1.91 15.19 14.13
CA ALA B 465 2.82 15.33 15.25
C ALA B 465 3.65 16.59 14.97
N ALA B 466 4.39 17.06 15.98
CA ALA B 466 5.23 18.24 15.76
C ALA B 466 6.46 17.83 14.96
N ALA B 467 7.01 18.78 14.19
CA ALA B 467 8.14 18.48 13.31
C ALA B 467 9.25 17.75 14.05
N GLU B 468 9.51 18.16 15.29
CA GLU B 468 10.61 17.61 16.08
C GLU B 468 10.41 16.13 16.40
N GLU B 469 9.18 15.65 16.26
CA GLU B 469 8.89 14.26 16.59
C GLU B 469 9.30 13.32 15.48
N THR B 470 9.71 13.88 14.35
CA THR B 470 10.25 13.08 13.26
C THR B 470 11.42 12.27 13.78
N ARG B 471 11.48 10.99 13.44
CA ARG B 471 12.57 10.14 13.87
C ARG B 471 13.39 9.65 12.68
N HIS B 472 14.67 9.39 12.91
CA HIS B 472 15.58 9.04 11.83
C HIS B 472 16.32 7.75 12.10
N GLN B 473 16.51 6.97 11.04
CA GLN B 473 17.24 5.72 11.11
C GLN B 473 18.29 5.75 10.01
N ALA B 474 19.53 5.45 10.36
CA ALA B 474 20.63 5.51 9.40
C ALA B 474 20.41 4.62 8.18
N GLU B 475 20.00 3.38 8.40
CA GLU B 475 19.86 2.44 7.30
C GLU B 475 18.46 2.35 6.72
N TYR B 476 18.31 2.78 5.47
CA TYR B 476 17.05 2.55 4.79
C TYR B 476 16.88 1.06 4.66
N GLN B 477 15.65 0.60 4.85
CA GLN B 477 15.33 -0.81 4.73
C GLN B 477 14.03 -0.96 3.93
N ASN B 478 14.12 -1.64 2.79
CA ASN B 478 12.96 -1.83 1.91
C ASN B 478 12.07 -2.91 2.53
N ARG B 479 11.36 -2.55 3.60
CA ARG B 479 10.61 -3.52 4.38
C ARG B 479 9.28 -2.93 4.83
N GLY B 480 8.47 -3.74 5.49
CA GLY B 480 7.17 -3.26 5.96
C GLY B 480 7.30 -2.14 6.98
N THR B 481 6.37 -1.20 6.90
CA THR B 481 6.25 -0.12 7.89
C THR B 481 6.21 -0.77 9.26
N GLU B 482 5.60 -1.94 9.31
CA GLU B 482 5.65 -2.82 10.46
C GLU B 482 5.86 -4.21 9.90
N ASN B 483 6.36 -5.12 10.73
CA ASN B 483 6.46 -6.51 10.36
C ASN B 483 5.82 -7.33 11.47
N ASP B 484 4.99 -8.29 11.08
CA ASP B 484 4.41 -9.20 12.05
C ASP B 484 4.56 -10.61 11.52
N MET B 485 4.82 -11.56 12.42
CA MET B 485 4.93 -12.95 12.02
C MET B 485 4.06 -13.79 12.95
N ILE B 486 3.29 -14.69 12.36
CA ILE B 486 2.51 -15.66 13.13
C ILE B 486 3.06 -17.04 12.82
N VAL B 487 3.33 -17.81 13.86
CA VAL B 487 3.82 -19.18 13.70
C VAL B 487 2.81 -20.12 14.32
N PHE B 488 2.19 -20.97 13.52
CA PHE B 488 1.21 -21.90 14.02
C PHE B 488 1.82 -23.25 14.36
N SER B 489 1.33 -23.83 15.46
CA SER B 489 1.83 -25.11 15.95
C SER B 489 3.35 -25.19 16.01
N PRO B 490 4.00 -24.24 16.71
CA PRO B 490 5.45 -24.30 16.83
C PRO B 490 5.79 -25.47 17.75
N THR B 491 6.75 -26.30 17.35
CA THR B 491 7.06 -27.51 18.11
C THR B 491 7.82 -27.26 19.41
N THR B 492 8.38 -26.07 19.56
CA THR B 492 9.18 -25.76 20.74
C THR B 492 8.43 -24.94 21.78
N SER B 493 7.13 -24.76 21.56
CA SER B 493 6.32 -23.96 22.48
C SER B 493 5.17 -24.76 23.06
N ASP B 494 4.62 -24.27 24.17
CA ASP B 494 3.49 -24.91 24.83
C ASP B 494 2.20 -24.29 24.31
N ARG B 495 2.33 -23.41 23.34
CA ARG B 495 1.18 -22.73 22.75
C ARG B 495 0.93 -23.26 21.33
N PRO B 496 -0.34 -23.25 20.90
CA PRO B 496 -0.70 -23.71 19.55
C PRO B 496 -0.24 -22.69 18.51
N VAL B 497 0.22 -21.54 18.99
CA VAL B 497 0.62 -20.46 18.10
C VAL B 497 1.50 -19.45 18.83
N LEU B 498 2.44 -18.85 18.10
CA LEU B 498 3.24 -17.75 18.61
C LEU B 498 3.21 -16.64 17.59
N ALA B 499 3.30 -15.40 18.06
CA ALA B 499 3.26 -14.26 17.14
C ALA B 499 4.14 -13.13 17.64
N TRP B 500 4.63 -12.33 16.70
CA TRP B 500 5.52 -11.23 17.01
C TRP B 500 5.19 -10.07 16.07
N ASP B 501 5.45 -8.85 16.52
CA ASP B 501 5.37 -7.73 15.61
C ASP B 501 6.26 -6.60 16.10
N VAL B 502 6.36 -5.55 15.30
CA VAL B 502 7.12 -4.38 15.70
C VAL B 502 6.38 -3.14 15.21
N VAL B 503 6.01 -2.29 16.16
CA VAL B 503 5.24 -1.08 15.87
C VAL B 503 6.05 0.12 16.30
N ALA B 504 6.85 0.65 15.38
CA ALA B 504 7.77 1.74 15.66
C ALA B 504 7.18 3.08 15.23
N PRO B 505 7.51 4.17 15.95
CA PRO B 505 8.38 4.23 17.13
C PRO B 505 7.92 3.47 18.38
N GLY B 506 6.60 3.41 18.58
CA GLY B 506 6.06 2.74 19.76
C GLY B 506 4.54 2.75 19.79
N GLN B 507 3.95 2.07 20.77
CA GLN B 507 2.49 1.98 20.85
C GLN B 507 1.83 3.33 21.06
N SER B 508 2.45 4.18 21.87
CA SER B 508 1.85 5.46 22.23
C SER B 508 2.45 6.65 21.49
N GLY B 509 1.61 7.61 21.15
CA GLY B 509 2.09 8.84 20.56
C GLY B 509 1.87 9.98 21.53
N PHE B 510 1.49 9.64 22.75
CA PHE B 510 1.14 10.64 23.76
C PHE B 510 2.34 11.42 24.30
N ILE B 511 2.16 12.74 24.37
CA ILE B 511 3.10 13.62 25.04
C ILE B 511 2.26 14.51 25.96
N ALA B 512 2.55 14.48 27.25
CA ALA B 512 1.80 15.26 28.22
C ALA B 512 1.98 16.76 27.95
N PRO B 513 1.11 17.60 28.56
CA PRO B 513 1.22 19.04 28.37
C PRO B 513 2.60 19.61 28.65
N ASP B 514 3.31 19.05 29.64
CA ASP B 514 4.63 19.55 30.00
C ASP B 514 5.75 18.94 29.16
N GLY B 515 5.37 18.27 28.09
CA GLY B 515 6.36 17.72 27.18
C GLY B 515 6.87 16.33 27.53
N THR B 516 6.42 15.79 28.66
CA THR B 516 6.85 14.46 29.07
C THR B 516 6.28 13.38 28.14
N VAL B 517 7.19 12.71 27.44
CA VAL B 517 6.84 11.67 26.48
C VAL B 517 6.34 10.40 27.18
N ASP B 518 5.39 9.70 26.57
CA ASP B 518 4.88 8.47 27.18
C ASP B 518 5.97 7.41 27.23
N LYS B 519 5.89 6.54 28.24
CA LYS B 519 6.87 5.48 28.42
C LYS B 519 6.93 4.57 27.18
N HIS B 520 5.85 4.51 26.42
CA HIS B 520 5.87 3.69 25.21
C HIS B 520 5.86 4.54 23.95
N TYR B 521 6.49 5.70 24.04
CA TYR B 521 6.57 6.63 22.92
C TYR B 521 7.63 6.22 21.91
N GLU B 522 8.66 5.52 22.35
CA GLU B 522 9.78 5.22 21.47
C GLU B 522 10.48 3.91 21.78
N ASP B 523 9.81 3.02 22.50
CA ASP B 523 10.46 1.78 22.94
C ASP B 523 10.48 0.64 21.92
N GLN B 524 10.08 0.92 20.68
CA GLN B 524 10.19 -0.09 19.62
C GLN B 524 11.01 0.44 18.45
N LEU B 525 11.55 1.64 18.61
CA LEU B 525 12.30 2.29 17.53
C LEU B 525 13.63 1.58 17.23
N LYS B 526 14.39 1.27 18.27
CA LYS B 526 15.66 0.57 18.08
C LYS B 526 15.39 -0.88 17.66
N MET B 527 14.30 -1.43 18.17
CA MET B 527 13.91 -2.79 17.83
C MET B 527 13.65 -2.90 16.33
N TYR B 528 12.98 -1.90 15.79
CA TYR B 528 12.71 -1.86 14.36
C TYR B 528 14.03 -1.85 13.60
N GLU B 529 14.90 -0.93 13.97
CA GLU B 529 16.18 -0.76 13.28
C GLU B 529 17.01 -2.05 13.17
N ASN B 530 17.07 -2.85 14.23
CA ASN B 530 17.89 -4.05 14.20
C ASN B 530 17.12 -5.32 13.85
N PHE B 531 15.96 -5.15 13.21
CA PHE B 531 15.18 -6.30 12.78
C PHE B 531 14.70 -7.16 13.94
N GLY B 532 14.52 -6.51 15.10
CA GLY B 532 14.00 -7.20 16.26
C GLY B 532 12.48 -7.28 16.21
N ARG B 533 11.90 -7.86 17.25
CA ARG B 533 10.45 -8.02 17.32
C ARG B 533 10.08 -8.37 18.76
N LYS B 534 8.84 -8.07 19.14
CA LYS B 534 8.36 -8.45 20.46
C LYS B 534 7.10 -9.30 20.38
N SER B 535 6.87 -10.10 21.40
CA SER B 535 5.76 -11.04 21.41
C SER B 535 4.40 -10.36 21.46
N LEU B 536 3.48 -10.86 20.64
CA LEU B 536 2.07 -10.50 20.71
C LEU B 536 1.40 -11.56 21.58
N TRP B 537 0.60 -11.11 22.55
CA TRP B 537 -0.09 -12.05 23.44
C TRP B 537 -1.55 -12.20 23.01
N LEU B 538 -2.12 -13.38 23.26
CA LEU B 538 -3.51 -13.64 22.93
C LEU B 538 -4.30 -14.17 24.12
N THR B 539 -3.81 -15.24 24.75
CA THR B 539 -4.54 -15.87 25.86
C THR B 539 -4.57 -15.00 27.09
N LYS B 540 -5.64 -15.13 27.87
CA LYS B 540 -5.78 -14.34 29.09
C LYS B 540 -4.60 -14.57 30.01
N GLN B 541 -4.06 -15.79 29.99
CA GLN B 541 -2.93 -16.13 30.85
C GLN B 541 -1.65 -15.42 30.38
N ASP B 542 -1.44 -15.35 29.08
CA ASP B 542 -0.26 -14.66 28.57
C ASP B 542 -0.35 -13.16 28.78
N VAL B 543 -1.54 -12.59 28.56
CA VAL B 543 -1.75 -11.16 28.74
C VAL B 543 -1.58 -10.78 30.21
N GLU B 544 -2.10 -11.62 31.09
CA GLU B 544 -2.00 -11.39 32.53
C GLU B 544 -0.56 -11.45 33.01
N ALA B 545 0.18 -12.45 32.54
CA ALA B 545 1.56 -12.65 32.97
C ALA B 545 2.46 -11.51 32.49
N HIS B 546 1.96 -10.73 31.53
CA HIS B 546 2.74 -9.65 30.95
C HIS B 546 2.05 -8.32 31.12
N LYS B 547 1.10 -8.27 32.07
CA LYS B 547 0.37 -7.05 32.36
C LYS B 547 1.28 -6.00 32.97
N GLU B 548 1.17 -4.78 32.45
CA GLU B 548 1.91 -3.65 32.98
C GLU B 548 0.95 -2.74 33.73
N SER B 549 -0.28 -2.67 33.24
CA SER B 549 -1.31 -1.85 33.87
C SER B 549 -2.69 -2.40 33.56
N GLN B 550 -3.66 -1.98 34.36
CA GLN B 550 -5.03 -2.43 34.21
C GLN B 550 -5.98 -1.31 34.60
N GLU B 551 -7.12 -1.25 33.93
CA GLU B 551 -8.15 -0.25 34.23
C GLU B 551 -9.49 -0.83 33.85
N VAL B 552 -10.44 -0.79 34.77
CA VAL B 552 -11.78 -1.31 34.51
C VAL B 552 -12.78 -0.18 34.40
N LEU B 553 -13.58 -0.24 33.34
CA LEU B 553 -14.62 0.76 33.11
C LEU B 553 -16.00 0.13 33.31
N HIS B 554 -16.92 0.90 33.88
CA HIS B 554 -18.30 0.46 33.99
C HIS B 554 -19.18 1.49 33.30
N VAL B 555 -19.74 1.11 32.17
CA VAL B 555 -20.54 2.03 31.37
C VAL B 555 -21.79 1.38 30.80
N GLN B 556 -22.84 2.19 30.65
CA GLN B 556 -24.09 1.72 30.08
C GLN B 556 -24.39 2.50 28.81
N ARG B 557 -24.79 1.79 27.76
CA ARG B 557 -25.08 2.47 26.50
C ARG B 557 -26.39 3.23 26.63
CA CA C . -9.40 1.34 -15.60
C1 PAC D . 0.40 -1.22 -0.20
C2 PAC D . -0.12 -0.78 1.15
C1' PAC D . -1.17 -1.76 1.67
C2' PAC D . -0.86 -2.93 2.42
C3' PAC D . -1.86 -3.79 2.89
C4' PAC D . -3.17 -3.41 2.56
C5' PAC D . -3.52 -2.27 1.82
C6' PAC D . -2.49 -1.41 1.35
O1 PAC D . 0.58 -0.19 -0.95
O2 PAC D . 0.62 -2.40 -0.51
#